data_2INV
#
_entry.id   2INV
#
_cell.length_a   159.166
_cell.length_b   91.900
_cell.length_c   92.916
_cell.angle_alpha   90.00
_cell.angle_beta   124.82
_cell.angle_gamma   90.00
#
_symmetry.space_group_name_H-M   'C 1 2 1'
#
loop_
_entity.id
_entity.type
_entity.pdbx_description
1 polymer 'Inulin fructotransferase'
2 branched beta-D-fructofuranose-(2-1)-beta-D-fructofuranose
3 non-polymer PHOSPHONATE
4 water water
#
_entity_poly.entity_id   1
_entity_poly.type   'polypeptide(L)'
_entity_poly.pdbx_seq_one_letter_code
;ADGQQGAPLNSPNTYDVTTWRIKAHPEVTAQSDIGAVINDIIADIKQRQTSPDARPGAAIIIPPGDYDLHTQVVVDVSYL
TIAGFGHGFFSRSILDNSNPTGWQNLQPGASHIRVLTSPSAPQAFLVKRAGDPRLSGIVFRDFCLDGVGFTPGKNSYHNG
KTGIEVASDNDSFHITG(MSE)GFVYLEHALIVRGADALRVNDN(MSE)IAECGNCVELTGAGQATIVSGNH(MSE)GAG
PDGVTLLAENHEGLLVTGNNLFPRGRSLIEFTGCNRCSVTSNRLQGFYPG(MSE)LRLLNGCKENLITANHIRRTNEGYP
PFIGRGNGLDDLYGVVHIAGDNNLISDNLFAYNVPPANIAPAGAQPTQILIAGGDANVVALNHVVSDVASQHVVLDASTT
HSKVLDSGTASQITSYSSDTAIRPTP
;
_entity_poly.pdbx_strand_id   A,B,C
#
loop_
_chem_comp.id
_chem_comp.type
_chem_comp.name
_chem_comp.formula
2PO non-polymer PHOSPHONATE 'H O3 P -2'
FRU D-saccharide, beta linking beta-D-fructofuranose 'C6 H12 O6'
#
# COMPACT_ATOMS: atom_id res chain seq x y z
N PRO A 12 18.67 -16.54 -19.74
CA PRO A 12 17.55 -17.12 -20.49
C PRO A 12 16.24 -16.32 -20.43
N ASN A 13 15.64 -16.16 -21.60
CA ASN A 13 14.38 -15.44 -21.75
C ASN A 13 14.49 -14.02 -21.21
N THR A 14 15.71 -13.50 -21.14
CA THR A 14 15.94 -12.16 -20.64
C THR A 14 16.65 -11.38 -21.75
N TYR A 15 16.10 -10.22 -22.12
CA TYR A 15 16.72 -9.39 -23.16
C TYR A 15 17.00 -8.01 -22.57
N ASP A 16 17.96 -7.32 -23.15
CA ASP A 16 18.32 -5.95 -22.74
C ASP A 16 18.05 -5.22 -24.05
N VAL A 17 17.18 -4.22 -24.07
CA VAL A 17 16.91 -3.56 -25.34
C VAL A 17 18.13 -3.00 -26.06
N THR A 18 19.18 -2.62 -25.33
CA THR A 18 20.36 -2.05 -25.98
C THR A 18 21.34 -3.02 -26.68
N THR A 19 21.31 -4.31 -26.35
CA THR A 19 22.22 -5.27 -26.96
C THR A 19 21.64 -6.07 -28.10
N TRP A 20 20.32 -6.02 -28.23
CA TRP A 20 19.64 -6.80 -29.23
C TRP A 20 19.50 -6.18 -30.63
N ARG A 21 20.19 -6.79 -31.60
CA ARG A 21 20.15 -6.28 -32.96
C ARG A 21 19.03 -6.90 -33.78
N ILE A 22 18.44 -6.09 -34.65
CA ILE A 22 17.37 -6.55 -35.52
C ILE A 22 18.10 -6.97 -36.80
N LYS A 23 18.18 -8.28 -36.97
CA LYS A 23 18.88 -8.89 -38.09
C LYS A 23 18.69 -8.24 -39.46
N ALA A 24 17.43 -8.01 -39.86
CA ALA A 24 17.20 -7.39 -41.16
C ALA A 24 17.47 -5.90 -41.13
N HIS A 25 17.37 -5.29 -39.95
CA HIS A 25 17.63 -3.85 -39.82
C HIS A 25 18.58 -3.50 -38.67
N PRO A 26 19.88 -3.76 -38.87
CA PRO A 26 20.98 -3.51 -37.94
C PRO A 26 21.17 -2.13 -37.28
N GLU A 27 20.88 -1.03 -37.96
CA GLU A 27 21.09 0.24 -37.26
C GLU A 27 19.82 0.84 -36.65
N VAL A 28 18.75 0.04 -36.61
CA VAL A 28 17.50 0.48 -35.99
C VAL A 28 17.62 0.01 -34.54
N THR A 29 18.20 0.87 -33.71
CA THR A 29 18.44 0.61 -32.29
C THR A 29 17.32 1.05 -31.36
N ALA A 30 17.50 0.80 -30.06
CA ALA A 30 16.51 1.20 -29.08
C ALA A 30 16.44 2.73 -29.07
N GLN A 31 17.57 3.37 -29.35
CA GLN A 31 17.61 4.83 -29.37
C GLN A 31 16.79 5.45 -30.49
N SER A 32 16.86 4.87 -31.68
CA SER A 32 16.10 5.40 -32.82
C SER A 32 14.66 4.90 -32.87
N ASP A 33 14.43 3.63 -32.51
CA ASP A 33 13.07 3.09 -32.48
C ASP A 33 13.01 1.87 -31.58
N ILE A 34 12.89 2.11 -30.27
CA ILE A 34 12.82 1.02 -29.31
C ILE A 34 11.56 0.20 -29.58
N GLY A 35 10.61 0.81 -30.27
CA GLY A 35 9.37 0.12 -30.61
C GLY A 35 9.70 -1.03 -31.55
N ALA A 36 10.49 -0.73 -32.57
CA ALA A 36 10.89 -1.74 -33.55
C ALA A 36 11.67 -2.86 -32.87
N VAL A 37 12.55 -2.47 -31.94
CA VAL A 37 13.39 -3.41 -31.20
C VAL A 37 12.57 -4.38 -30.38
N ILE A 38 11.63 -3.86 -29.59
CA ILE A 38 10.80 -4.71 -28.76
C ILE A 38 9.93 -5.62 -29.60
N ASN A 39 9.38 -5.12 -30.71
CA ASN A 39 8.56 -5.98 -31.55
C ASN A 39 9.40 -7.14 -32.08
N ASP A 40 10.68 -6.89 -32.39
CA ASP A 40 11.52 -7.98 -32.88
C ASP A 40 11.84 -8.94 -31.75
N ILE A 41 11.94 -8.43 -30.52
CA ILE A 41 12.21 -9.33 -29.41
C ILE A 41 11.01 -10.23 -29.18
N ILE A 42 9.81 -9.65 -29.16
CA ILE A 42 8.59 -10.44 -28.96
C ILE A 42 8.49 -11.48 -30.07
N ALA A 43 8.96 -11.11 -31.26
CA ALA A 43 8.92 -12.02 -32.39
C ALA A 43 9.86 -13.18 -32.13
N ASP A 44 10.97 -12.93 -31.42
CA ASP A 44 11.91 -14.00 -31.12
C ASP A 44 11.37 -14.90 -30.02
N ILE A 45 10.58 -14.33 -29.12
CA ILE A 45 9.99 -15.10 -28.02
C ILE A 45 9.00 -16.07 -28.62
N LYS A 46 8.15 -15.59 -29.53
CA LYS A 46 7.15 -16.42 -30.17
C LYS A 46 7.88 -17.45 -31.04
N GLN A 47 9.03 -17.04 -31.57
CA GLN A 47 9.86 -17.89 -32.40
C GLN A 47 10.14 -19.14 -31.61
N ARG A 48 10.69 -18.88 -30.43
CA ARG A 48 11.12 -19.90 -29.50
C ARG A 48 10.05 -20.66 -28.70
N GLN A 49 9.03 -19.97 -28.20
CA GLN A 49 8.00 -20.65 -27.43
C GLN A 49 6.75 -20.90 -28.26
N THR A 50 6.76 -22.02 -28.99
CA THR A 50 5.65 -22.40 -29.85
C THR A 50 4.60 -23.30 -29.19
N SER A 51 4.97 -23.92 -28.06
CA SER A 51 4.08 -24.82 -27.32
C SER A 51 3.20 -24.13 -26.27
N PRO A 52 1.87 -24.26 -26.40
CA PRO A 52 0.99 -23.63 -25.40
C PRO A 52 1.32 -24.14 -24.00
N ASP A 53 2.05 -25.24 -23.93
CA ASP A 53 2.40 -25.82 -22.65
C ASP A 53 3.80 -25.38 -22.22
N ALA A 54 4.47 -24.67 -23.12
CA ALA A 54 5.80 -24.16 -22.86
C ALA A 54 5.90 -22.71 -23.32
N ARG A 55 5.16 -21.85 -22.64
CA ARG A 55 5.19 -20.42 -22.97
C ARG A 55 5.26 -19.55 -21.71
N PRO A 56 6.41 -19.66 -21.00
CA PRO A 56 6.86 -19.01 -19.77
C PRO A 56 6.87 -17.50 -19.91
N GLY A 57 7.18 -17.04 -21.12
CA GLY A 57 7.23 -15.62 -21.38
C GLY A 57 8.67 -15.19 -21.32
N ALA A 58 8.90 -13.92 -21.00
CA ALA A 58 10.25 -13.43 -20.91
C ALA A 58 10.29 -12.07 -20.25
N ALA A 59 11.49 -11.55 -20.10
CA ALA A 59 11.70 -10.25 -19.50
C ALA A 59 12.53 -9.40 -20.44
N ILE A 60 12.04 -8.19 -20.67
CA ILE A 60 12.72 -7.23 -21.53
C ILE A 60 13.14 -6.09 -20.61
N ILE A 61 14.45 -5.92 -20.46
CA ILE A 61 15.02 -4.90 -19.59
C ILE A 61 15.34 -3.61 -20.37
N ILE A 62 14.97 -2.47 -19.82
CA ILE A 62 15.27 -1.21 -20.50
C ILE A 62 16.23 -0.36 -19.67
N PRO A 63 17.53 -0.41 -20.00
CA PRO A 63 18.62 0.32 -19.34
C PRO A 63 18.39 1.83 -19.23
N PRO A 64 19.04 2.48 -18.24
CA PRO A 64 18.86 3.92 -18.10
C PRO A 64 19.18 4.58 -19.43
N GLY A 65 18.28 5.42 -19.94
CA GLY A 65 18.56 6.07 -21.20
C GLY A 65 17.42 6.75 -21.91
N ASP A 66 17.77 7.45 -22.98
CA ASP A 66 16.81 8.18 -23.81
C ASP A 66 16.52 7.33 -25.05
N TYR A 67 15.28 6.88 -25.18
CA TYR A 67 14.88 6.04 -26.32
C TYR A 67 13.65 6.58 -27.04
N ASP A 68 13.72 6.68 -28.36
CA ASP A 68 12.61 7.16 -29.19
C ASP A 68 11.74 5.99 -29.64
N LEU A 69 10.42 6.13 -29.53
CA LEU A 69 9.54 5.06 -29.98
C LEU A 69 8.67 5.59 -31.12
N HIS A 70 8.94 5.11 -32.33
CA HIS A 70 8.17 5.52 -33.49
C HIS A 70 7.16 4.40 -33.81
N THR A 71 7.57 3.14 -33.64
CA THR A 71 6.71 2.00 -33.93
C THR A 71 5.97 1.39 -32.72
N GLN A 72 4.65 1.34 -32.84
CA GLN A 72 3.78 0.79 -31.79
C GLN A 72 4.09 -0.67 -31.47
N VAL A 73 4.23 -0.97 -30.18
CA VAL A 73 4.54 -2.33 -29.75
C VAL A 73 3.28 -3.10 -29.43
N VAL A 74 3.12 -4.25 -30.10
CA VAL A 74 1.97 -5.09 -29.87
C VAL A 74 2.41 -6.24 -28.99
N VAL A 75 1.86 -6.28 -27.79
CA VAL A 75 2.19 -7.31 -26.81
C VAL A 75 1.12 -8.38 -26.83
N ASP A 76 1.50 -9.57 -27.29
CA ASP A 76 0.56 -10.67 -27.36
C ASP A 76 1.08 -11.95 -26.71
N VAL A 77 1.99 -11.81 -25.75
CA VAL A 77 2.45 -12.98 -25.05
C VAL A 77 2.18 -12.79 -23.58
N SER A 78 1.69 -13.86 -22.97
CA SER A 78 1.39 -13.85 -21.57
C SER A 78 2.64 -13.91 -20.75
N TYR A 79 2.55 -13.29 -19.57
CA TYR A 79 3.66 -13.25 -18.63
C TYR A 79 4.88 -12.49 -19.18
N LEU A 80 4.64 -11.45 -19.97
CA LEU A 80 5.73 -10.64 -20.52
C LEU A 80 6.01 -9.53 -19.52
N THR A 81 7.27 -9.36 -19.18
CA THR A 81 7.69 -8.34 -18.23
C THR A 81 8.60 -7.34 -18.93
N ILE A 82 8.20 -6.07 -18.91
CA ILE A 82 9.02 -5.04 -19.50
C ILE A 82 9.35 -4.15 -18.31
N ALA A 83 10.61 -4.16 -17.92
CA ALA A 83 11.05 -3.40 -16.76
C ALA A 83 12.26 -2.51 -17.01
N GLY A 84 12.33 -1.43 -16.23
CA GLY A 84 13.44 -0.50 -16.33
C GLY A 84 14.04 -0.32 -14.96
N PHE A 85 14.77 0.79 -14.76
CA PHE A 85 15.38 1.05 -13.46
C PHE A 85 14.84 2.31 -12.79
N GLY A 86 13.85 2.95 -13.41
CA GLY A 86 13.30 4.16 -12.81
C GLY A 86 12.11 4.76 -13.54
N HIS A 87 11.27 5.46 -12.78
CA HIS A 87 10.08 6.12 -13.32
C HIS A 87 10.46 7.45 -13.99
N GLY A 88 11.62 7.96 -13.62
CA GLY A 88 12.15 9.20 -14.15
C GLY A 88 11.19 10.34 -14.42
N PHE A 89 10.26 10.63 -13.52
CA PHE A 89 9.35 11.72 -13.79
C PHE A 89 10.05 13.07 -13.75
N PHE A 90 9.51 14.00 -14.55
CA PHE A 90 10.03 15.35 -14.68
C PHE A 90 8.85 16.18 -15.17
N SER A 91 8.60 17.28 -14.49
CA SER A 91 7.48 18.18 -14.79
C SER A 91 7.66 18.96 -16.10
N ARG A 92 7.16 18.41 -17.20
CA ARG A 92 7.26 19.11 -18.47
C ARG A 92 6.38 20.35 -18.45
N SER A 93 5.34 20.30 -17.62
CA SER A 93 4.40 21.41 -17.48
C SER A 93 5.13 22.65 -16.99
N ILE A 94 5.93 22.50 -15.94
CA ILE A 94 6.66 23.63 -15.40
C ILE A 94 7.72 24.12 -16.40
N LEU A 95 8.39 23.21 -17.08
CA LEU A 95 9.39 23.60 -18.08
C LEU A 95 8.74 24.46 -19.16
N ASP A 96 7.61 23.99 -19.68
CA ASP A 96 6.86 24.68 -20.73
C ASP A 96 6.30 26.04 -20.35
N ASN A 97 6.22 26.30 -19.05
CA ASN A 97 5.69 27.56 -18.59
C ASN A 97 6.74 28.38 -17.85
N SER A 98 7.99 27.98 -18.01
CA SER A 98 9.13 28.67 -17.38
C SER A 98 10.18 29.03 -18.43
N ASN A 99 11.22 29.72 -17.96
CA ASN A 99 12.34 30.14 -18.80
C ASN A 99 13.49 29.17 -18.59
N PRO A 100 13.67 28.22 -19.52
CA PRO A 100 14.71 27.18 -19.54
C PRO A 100 16.18 27.60 -19.45
N THR A 101 16.49 28.89 -19.55
CA THR A 101 17.89 29.34 -19.52
C THR A 101 18.70 28.84 -18.33
N GLY A 102 19.79 28.12 -18.64
CA GLY A 102 20.66 27.61 -17.61
C GLY A 102 20.13 26.38 -16.89
N TRP A 103 18.98 25.87 -17.35
CA TRP A 103 18.39 24.68 -16.73
C TRP A 103 19.28 23.47 -17.01
N GLN A 104 19.52 22.66 -15.98
CA GLN A 104 20.39 21.48 -16.07
C GLN A 104 19.70 20.23 -16.61
N ASN A 105 18.38 20.30 -16.73
CA ASN A 105 17.57 19.19 -17.24
C ASN A 105 16.40 19.78 -18.03
N LEU A 106 16.09 19.18 -19.18
CA LEU A 106 14.98 19.66 -19.99
C LEU A 106 14.06 18.48 -20.31
N GLN A 107 14.38 17.31 -19.76
CA GLN A 107 13.60 16.11 -20.04
C GLN A 107 13.59 14.99 -19.01
N PRO A 108 12.53 14.16 -19.05
CA PRO A 108 12.33 13.00 -18.18
C PRO A 108 13.50 12.03 -18.32
N GLY A 109 13.80 11.30 -17.23
CA GLY A 109 14.92 10.38 -17.26
C GLY A 109 14.68 8.90 -16.97
N ALA A 110 15.67 8.25 -16.37
CA ALA A 110 15.60 6.83 -16.06
C ALA A 110 15.48 6.09 -17.38
N SER A 111 14.73 4.98 -17.39
CA SER A 111 14.52 4.23 -18.63
C SER A 111 13.40 4.97 -19.34
N HIS A 112 13.84 6.06 -19.98
CA HIS A 112 13.04 7.04 -20.68
C HIS A 112 12.64 6.69 -22.13
N ILE A 113 11.35 6.47 -22.35
CA ILE A 113 10.85 6.18 -23.68
C ILE A 113 10.01 7.35 -24.15
N ARG A 114 10.45 7.96 -25.24
CA ARG A 114 9.72 9.06 -25.80
C ARG A 114 8.81 8.49 -26.86
N VAL A 115 7.53 8.64 -26.58
CA VAL A 115 6.46 8.15 -27.43
C VAL A 115 6.25 9.11 -28.58
N LEU A 116 6.65 8.68 -29.77
CA LEU A 116 6.52 9.49 -30.98
C LEU A 116 5.67 8.71 -31.98
N THR A 117 4.56 8.17 -31.49
CA THR A 117 3.67 7.38 -32.31
C THR A 117 2.87 8.13 -33.36
N SER A 118 2.55 7.41 -34.42
CA SER A 118 1.78 7.95 -35.54
C SER A 118 0.29 7.77 -35.26
N PRO A 119 -0.54 8.65 -35.82
CA PRO A 119 -2.00 8.59 -35.62
C PRO A 119 -2.60 7.18 -35.75
N SER A 120 -2.16 6.42 -36.76
CA SER A 120 -2.66 5.08 -37.02
C SER A 120 -2.32 4.02 -35.98
N ALA A 121 -1.41 4.36 -35.07
CA ALA A 121 -0.99 3.43 -34.01
C ALA A 121 -0.60 4.28 -32.80
N PRO A 122 -1.59 4.95 -32.18
CA PRO A 122 -1.44 5.82 -31.01
C PRO A 122 -0.60 5.29 -29.85
N GLN A 123 -0.98 4.12 -29.37
CA GLN A 123 -0.37 3.46 -28.23
C GLN A 123 1.07 2.98 -28.38
N ALA A 124 1.91 3.34 -27.41
CA ALA A 124 3.31 2.92 -27.41
C ALA A 124 3.26 1.42 -27.26
N PHE A 125 2.43 0.97 -26.32
CA PHE A 125 2.25 -0.44 -26.06
C PHE A 125 0.78 -0.80 -26.15
N LEU A 126 0.47 -1.77 -27.00
CA LEU A 126 -0.89 -2.23 -27.17
C LEU A 126 -0.90 -3.72 -26.91
N VAL A 127 -1.50 -4.07 -25.78
CA VAL A 127 -1.60 -5.45 -25.34
C VAL A 127 -2.91 -6.04 -25.81
N LYS A 128 -2.84 -7.06 -26.64
CA LYS A 128 -4.05 -7.68 -27.13
C LYS A 128 -3.78 -9.00 -27.82
N ARG A 129 -4.75 -9.88 -27.72
CA ARG A 129 -4.60 -11.16 -28.36
C ARG A 129 -5.95 -11.76 -28.68
N ALA A 130 -5.97 -12.51 -29.77
CA ALA A 130 -7.19 -13.16 -30.19
C ALA A 130 -7.10 -14.58 -29.69
N GLY A 131 -8.21 -15.28 -29.88
CA GLY A 131 -8.27 -16.66 -29.47
C GLY A 131 -8.42 -16.80 -27.97
N ASP A 132 -8.36 -18.03 -27.53
CA ASP A 132 -8.48 -18.27 -26.14
C ASP A 132 -7.14 -18.68 -25.59
N PRO A 133 -6.89 -18.38 -24.33
CA PRO A 133 -6.69 -18.00 -22.93
C PRO A 133 -6.59 -16.50 -22.92
N ARG A 134 -7.16 -15.87 -21.90
CA ARG A 134 -7.04 -14.43 -21.88
C ARG A 134 -5.61 -14.25 -21.48
N LEU A 135 -5.06 -13.11 -21.86
CA LEU A 135 -3.70 -12.79 -21.53
C LEU A 135 -3.58 -12.68 -20.03
N SER A 136 -2.51 -13.26 -19.50
CA SER A 136 -2.33 -13.25 -18.07
C SER A 136 -0.90 -12.98 -17.64
N GLY A 137 -0.78 -12.48 -16.42
CA GLY A 137 0.51 -12.18 -15.83
C GLY A 137 1.44 -11.17 -16.46
N ILE A 138 0.93 -10.28 -17.30
CA ILE A 138 1.81 -9.29 -17.92
C ILE A 138 2.15 -8.19 -16.92
N VAL A 139 3.43 -7.86 -16.87
CA VAL A 139 3.96 -6.87 -15.95
C VAL A 139 4.73 -5.74 -16.65
N PHE A 140 4.37 -4.49 -16.34
CA PHE A 140 5.02 -3.30 -16.89
C PHE A 140 5.58 -2.57 -15.69
N ARG A 141 6.91 -2.46 -15.58
CA ARG A 141 7.41 -1.79 -14.41
C ARG A 141 8.72 -1.03 -14.49
N ASP A 142 8.81 -0.07 -13.59
CA ASP A 142 9.97 0.78 -13.41
C ASP A 142 10.60 1.45 -14.63
N PHE A 143 9.77 1.99 -15.53
CA PHE A 143 10.31 2.73 -16.66
C PHE A 143 9.44 3.94 -16.96
N CYS A 144 9.90 4.79 -17.89
CA CYS A 144 9.22 6.04 -18.20
C CYS A 144 8.64 6.24 -19.60
N LEU A 145 7.37 6.64 -19.66
CA LEU A 145 6.67 6.92 -20.91
C LEU A 145 6.37 8.40 -20.98
N ASP A 146 7.01 9.08 -21.93
CA ASP A 146 6.90 10.53 -22.09
C ASP A 146 6.34 10.93 -23.47
N GLY A 147 5.23 11.66 -23.46
CA GLY A 147 4.60 12.11 -24.70
C GLY A 147 5.26 13.31 -25.34
N VAL A 148 6.33 13.76 -24.71
CA VAL A 148 7.12 14.89 -25.20
C VAL A 148 6.48 16.29 -25.16
N GLY A 149 5.27 16.42 -25.71
CA GLY A 149 4.63 17.72 -25.71
C GLY A 149 3.16 17.72 -26.09
N PHE A 150 2.50 18.85 -25.83
CA PHE A 150 1.08 19.00 -26.15
C PHE A 150 0.87 19.83 -27.40
N THR A 151 -0.08 19.40 -28.23
CA THR A 151 -0.30 20.05 -29.52
C THR A 151 -1.75 20.30 -29.90
N PRO A 152 -2.09 21.52 -30.39
CA PRO A 152 -1.56 22.85 -30.74
C PRO A 152 -1.07 23.72 -29.57
N GLY A 153 -1.84 23.75 -28.49
CA GLY A 153 -1.44 24.54 -27.33
C GLY A 153 -0.47 23.75 -26.48
N LYS A 154 0.56 24.43 -25.97
CA LYS A 154 1.54 23.75 -25.14
C LYS A 154 0.92 23.25 -23.84
N ASN A 155 -0.20 23.86 -23.46
CA ASN A 155 -0.91 23.47 -22.24
C ASN A 155 -2.27 22.85 -22.55
N SER A 156 -2.36 22.18 -23.70
CA SER A 156 -3.60 21.58 -24.15
C SER A 156 -3.94 20.21 -23.56
N TYR A 157 -2.92 19.46 -23.14
CA TYR A 157 -3.13 18.10 -22.61
C TYR A 157 -3.68 17.25 -23.73
N HIS A 158 -3.34 17.59 -24.96
CA HIS A 158 -3.79 16.84 -26.11
C HIS A 158 -2.63 16.56 -27.02
N ASN A 159 -2.54 15.33 -27.51
CA ASN A 159 -1.46 15.01 -28.42
C ASN A 159 -1.68 13.65 -29.08
N GLY A 160 -2.86 13.09 -28.85
CA GLY A 160 -3.23 11.83 -29.45
C GLY A 160 -2.38 10.61 -29.15
N LYS A 161 -1.50 10.68 -28.15
CA LYS A 161 -0.65 9.55 -27.83
C LYS A 161 -1.14 8.79 -26.60
N THR A 162 -0.89 7.49 -26.56
CA THR A 162 -1.27 6.69 -25.39
C THR A 162 -0.04 5.89 -24.98
N GLY A 163 0.15 5.73 -23.67
CA GLY A 163 1.31 5.01 -23.16
C GLY A 163 1.18 3.50 -23.19
N ILE A 164 0.27 2.97 -22.38
CA ILE A 164 0.04 1.53 -22.32
C ILE A 164 -1.45 1.28 -22.40
N GLU A 165 -1.87 0.46 -23.36
CA GLU A 165 -3.28 0.16 -23.49
C GLU A 165 -3.55 -1.33 -23.62
N VAL A 166 -4.39 -1.84 -22.74
CA VAL A 166 -4.74 -3.25 -22.74
C VAL A 166 -6.16 -3.37 -23.28
N ALA A 167 -6.28 -3.75 -24.55
CA ALA A 167 -7.57 -3.86 -25.20
C ALA A 167 -8.32 -5.19 -25.07
N SER A 168 -7.63 -6.28 -24.73
CA SER A 168 -8.30 -7.57 -24.58
C SER A 168 -8.47 -7.91 -23.12
N ASP A 169 -9.44 -8.76 -22.81
CA ASP A 169 -9.65 -9.14 -21.42
C ASP A 169 -8.36 -9.74 -20.91
N ASN A 170 -7.98 -9.32 -19.72
CA ASN A 170 -6.73 -9.74 -19.12
C ASN A 170 -6.88 -10.24 -17.70
N ASP A 171 -5.95 -11.09 -17.29
CA ASP A 171 -5.99 -11.59 -15.93
C ASP A 171 -4.66 -11.45 -15.24
N SER A 172 -4.74 -10.95 -14.01
CA SER A 172 -3.60 -10.75 -13.13
C SER A 172 -2.51 -9.84 -13.70
N PHE A 173 -2.89 -8.72 -14.30
CA PHE A 173 -1.88 -7.82 -14.82
C PHE A 173 -1.31 -7.02 -13.66
N HIS A 174 -0.07 -6.56 -13.81
CA HIS A 174 0.59 -5.79 -12.78
C HIS A 174 1.30 -4.60 -13.40
N ILE A 175 0.94 -3.40 -12.92
CA ILE A 175 1.53 -2.15 -13.43
C ILE A 175 2.10 -1.39 -12.24
N THR A 176 3.41 -1.51 -12.00
CA THR A 176 3.99 -0.80 -10.87
C THR A 176 5.31 -0.07 -11.10
N GLY A 177 5.57 0.91 -10.25
CA GLY A 177 6.79 1.71 -10.30
C GLY A 177 6.99 2.53 -11.56
N MSE A 178 5.93 2.75 -12.32
CA MSE A 178 6.04 3.49 -13.57
C MSE A 178 6.01 5.00 -13.49
O MSE A 178 5.68 5.60 -12.45
CB MSE A 178 4.95 3.04 -14.54
CG MSE A 178 4.90 1.52 -14.78
SE MSE A 178 5.92 0.97 -16.31
CE MSE A 178 5.34 2.34 -17.53
N GLY A 179 6.37 5.62 -14.62
CA GLY A 179 6.39 7.05 -14.73
C GLY A 179 5.73 7.38 -16.06
N PHE A 180 4.60 8.08 -16.00
CA PHE A 180 3.87 8.47 -17.20
C PHE A 180 3.85 9.99 -17.21
N VAL A 181 4.22 10.59 -18.33
CA VAL A 181 4.21 12.04 -18.40
C VAL A 181 3.94 12.58 -19.80
N TYR A 182 3.10 13.62 -19.84
CA TYR A 182 2.71 14.30 -21.07
C TYR A 182 2.09 13.42 -22.17
N LEU A 183 1.19 12.53 -21.76
CA LEU A 183 0.49 11.61 -22.68
C LEU A 183 -1.00 11.91 -22.65
N GLU A 184 -1.67 11.92 -23.81
CA GLU A 184 -3.09 12.21 -23.75
C GLU A 184 -3.79 11.15 -22.91
N HIS A 185 -3.33 9.91 -23.03
CA HIS A 185 -3.88 8.81 -22.25
C HIS A 185 -2.66 8.05 -21.74
N ALA A 186 -2.49 8.00 -20.43
CA ALA A 186 -1.33 7.30 -19.88
C ALA A 186 -1.54 5.80 -19.93
N LEU A 187 -2.53 5.35 -19.15
CA LEU A 187 -2.84 3.93 -19.06
C LEU A 187 -4.32 3.60 -19.27
N ILE A 188 -4.58 2.62 -20.12
CA ILE A 188 -5.94 2.17 -20.41
C ILE A 188 -6.00 0.65 -20.28
N VAL A 189 -6.97 0.14 -19.52
CA VAL A 189 -7.12 -1.30 -19.35
C VAL A 189 -8.59 -1.74 -19.31
N ARG A 190 -9.00 -2.35 -20.42
CA ARG A 190 -10.34 -2.85 -20.63
C ARG A 190 -10.49 -4.29 -20.18
N GLY A 191 -11.62 -4.62 -19.57
CA GLY A 191 -11.83 -5.98 -19.10
C GLY A 191 -10.76 -6.50 -18.18
N ALA A 192 -10.38 -5.68 -17.21
CA ALA A 192 -9.36 -6.04 -16.24
C ALA A 192 -9.95 -6.93 -15.14
N ASP A 193 -9.16 -7.91 -14.72
CA ASP A 193 -9.56 -8.88 -13.71
C ASP A 193 -8.33 -9.15 -12.84
N ALA A 194 -8.44 -8.83 -11.54
CA ALA A 194 -7.35 -9.00 -10.59
C ALA A 194 -6.17 -8.14 -10.99
N LEU A 195 -6.46 -7.01 -11.60
CA LEU A 195 -5.45 -6.08 -12.05
C LEU A 195 -4.88 -5.31 -10.89
N ARG A 196 -3.61 -4.95 -11.03
CA ARG A 196 -2.97 -4.18 -10.01
C ARG A 196 -2.20 -3.02 -10.59
N VAL A 197 -2.60 -1.84 -10.14
CA VAL A 197 -2.01 -0.59 -10.55
C VAL A 197 -1.62 0.03 -9.21
N ASN A 198 -0.35 -0.07 -8.86
CA ASN A 198 0.14 0.44 -7.58
C ASN A 198 1.56 0.99 -7.63
N ASP A 199 1.84 1.98 -6.78
CA ASP A 199 3.15 2.59 -6.68
C ASP A 199 3.62 3.25 -7.99
N ASN A 200 2.73 3.99 -8.66
CA ASN A 200 3.08 4.66 -9.91
C ASN A 200 2.95 6.18 -9.82
N MSE A 201 3.59 6.85 -10.79
CA MSE A 201 3.54 8.30 -10.91
C MSE A 201 2.99 8.62 -12.28
O MSE A 201 3.70 8.53 -13.29
CB MSE A 201 4.94 8.89 -10.75
CG MSE A 201 5.06 10.38 -11.09
SE MSE A 201 3.92 11.49 -10.03
CE MSE A 201 5.01 11.56 -8.44
N ILE A 202 1.71 8.98 -12.32
CA ILE A 202 1.01 9.28 -13.55
C ILE A 202 0.52 10.72 -13.48
N ALA A 203 1.26 11.66 -14.08
CA ALA A 203 0.84 13.04 -14.02
C ALA A 203 1.16 13.86 -15.25
N GLU A 204 0.45 14.98 -15.37
CA GLU A 204 0.62 15.87 -16.49
C GLU A 204 0.27 15.06 -17.74
N CYS A 205 -0.80 14.29 -17.60
CA CYS A 205 -1.35 13.46 -18.65
C CYS A 205 -2.80 13.90 -18.85
N GLY A 206 -3.31 13.79 -20.08
CA GLY A 206 -4.68 14.20 -20.32
C GLY A 206 -5.58 13.33 -19.47
N ASN A 207 -5.28 12.03 -19.47
CA ASN A 207 -6.00 11.03 -18.70
C ASN A 207 -4.94 10.15 -18.05
N CYS A 208 -5.19 9.70 -16.83
CA CYS A 208 -4.23 8.86 -16.12
C CYS A 208 -4.55 7.36 -16.18
N VAL A 209 -5.60 6.92 -15.49
CA VAL A 209 -5.96 5.51 -15.52
C VAL A 209 -7.41 5.29 -15.93
N GLU A 210 -7.59 4.55 -17.01
CA GLU A 210 -8.92 4.25 -17.56
C GLU A 210 -9.25 2.76 -17.59
N LEU A 211 -10.10 2.33 -16.65
CA LEU A 211 -10.53 0.94 -16.57
C LEU A 211 -11.90 0.85 -17.22
N THR A 212 -11.88 0.62 -18.53
CA THR A 212 -13.09 0.55 -19.34
C THR A 212 -13.67 -0.84 -19.53
N GLY A 213 -14.80 -0.89 -20.23
CA GLY A 213 -15.47 -2.15 -20.49
C GLY A 213 -16.16 -2.71 -19.26
N ALA A 214 -15.38 -3.34 -18.40
CA ALA A 214 -15.90 -3.92 -17.16
C ALA A 214 -14.71 -4.45 -16.37
N GLY A 215 -14.93 -4.76 -15.10
CA GLY A 215 -13.83 -5.25 -14.30
C GLY A 215 -14.20 -6.04 -13.07
N GLN A 216 -13.21 -6.75 -12.54
CA GLN A 216 -13.37 -7.56 -11.34
C GLN A 216 -12.15 -7.50 -10.44
N ALA A 217 -12.41 -7.50 -9.12
CA ALA A 217 -11.41 -7.46 -8.07
C ALA A 217 -10.07 -6.84 -8.49
N THR A 218 -10.13 -5.56 -8.81
CA THR A 218 -8.95 -4.82 -9.23
C THR A 218 -8.51 -3.94 -8.07
N ILE A 219 -7.22 -3.63 -8.02
CA ILE A 219 -6.68 -2.79 -6.96
C ILE A 219 -5.88 -1.65 -7.55
N VAL A 220 -6.19 -0.44 -7.09
CA VAL A 220 -5.50 0.75 -7.54
C VAL A 220 -5.13 1.49 -6.26
N SER A 221 -3.87 1.33 -5.84
CA SER A 221 -3.41 1.97 -4.62
C SER A 221 -1.97 2.48 -4.69
N GLY A 222 -1.61 3.29 -3.69
CA GLY A 222 -0.27 3.85 -3.61
C GLY A 222 0.21 4.66 -4.80
N ASN A 223 -0.71 5.18 -5.61
CA ASN A 223 -0.35 5.96 -6.77
C ASN A 223 -0.46 7.48 -6.61
N HIS A 224 0.33 8.19 -7.42
CA HIS A 224 0.38 9.66 -7.47
C HIS A 224 -0.26 10.07 -8.80
N MSE A 225 -1.42 10.72 -8.81
CA MSE A 225 -2.03 11.09 -10.10
C MSE A 225 -2.51 12.54 -10.28
O MSE A 225 -3.08 13.15 -9.37
CB MSE A 225 -3.24 10.20 -10.44
CG MSE A 225 -2.91 8.72 -10.58
SE MSE A 225 -4.49 7.75 -11.08
CE MSE A 225 -4.30 6.23 -9.94
N GLY A 226 -2.30 13.05 -11.49
CA GLY A 226 -2.71 14.38 -11.87
C GLY A 226 -3.04 14.33 -13.36
N ALA A 227 -4.28 14.60 -13.71
CA ALA A 227 -4.71 14.52 -15.11
C ALA A 227 -4.91 15.87 -15.80
N GLY A 228 -5.87 15.90 -16.74
CA GLY A 228 -6.15 17.13 -17.46
C GLY A 228 -7.62 17.52 -17.39
N PRO A 229 -7.91 18.82 -17.52
CA PRO A 229 -9.25 19.41 -17.49
C PRO A 229 -10.29 18.65 -18.31
N ASP A 230 -9.85 18.09 -19.43
CA ASP A 230 -10.71 17.34 -20.33
C ASP A 230 -10.54 15.84 -20.15
N GLY A 231 -9.77 15.45 -19.15
CA GLY A 231 -9.54 14.04 -18.93
C GLY A 231 -9.94 13.57 -17.57
N VAL A 232 -9.81 12.27 -17.34
CA VAL A 232 -10.13 11.67 -16.07
C VAL A 232 -8.84 11.29 -15.38
N THR A 233 -8.88 11.22 -14.06
CA THR A 233 -7.71 10.84 -13.32
C THR A 233 -7.87 9.32 -13.23
N LEU A 234 -8.83 8.87 -12.43
CA LEU A 234 -9.09 7.44 -12.32
C LEU A 234 -10.53 7.22 -12.78
N LEU A 235 -10.69 6.39 -13.80
CA LEU A 235 -11.99 6.10 -14.36
C LEU A 235 -12.26 4.59 -14.32
N ALA A 236 -13.47 4.21 -13.91
CA ALA A 236 -13.82 2.81 -13.84
C ALA A 236 -15.20 2.55 -14.45
N GLU A 237 -15.27 1.59 -15.37
CA GLU A 237 -16.52 1.27 -16.04
C GLU A 237 -17.05 -0.11 -15.73
N ASN A 238 -18.21 -0.16 -15.11
CA ASN A 238 -18.88 -1.41 -14.76
C ASN A 238 -17.92 -2.36 -14.04
N HIS A 239 -17.28 -1.81 -13.01
CA HIS A 239 -16.34 -2.57 -12.19
C HIS A 239 -17.04 -3.06 -10.95
N GLU A 240 -16.57 -4.18 -10.45
CA GLU A 240 -17.12 -4.79 -9.27
C GLU A 240 -15.91 -5.21 -8.45
N GLY A 241 -15.94 -4.93 -7.15
CA GLY A 241 -14.82 -5.27 -6.29
C GLY A 241 -13.60 -4.38 -6.42
N LEU A 242 -13.75 -3.20 -7.01
CA LEU A 242 -12.63 -2.29 -7.16
C LEU A 242 -12.25 -1.68 -5.81
N LEU A 243 -10.96 -1.73 -5.50
CA LEU A 243 -10.44 -1.17 -4.26
C LEU A 243 -9.53 -0.03 -4.68
N VAL A 244 -9.82 1.17 -4.20
CA VAL A 244 -8.99 2.31 -4.52
C VAL A 244 -8.63 2.84 -3.14
N THR A 245 -7.34 2.77 -2.84
CA THR A 245 -6.85 3.14 -1.52
C THR A 245 -5.43 3.69 -1.50
N GLY A 246 -5.16 4.56 -0.54
CA GLY A 246 -3.84 5.15 -0.38
C GLY A 246 -3.26 5.85 -1.59
N ASN A 247 -4.11 6.46 -2.40
CA ASN A 247 -3.64 7.18 -3.58
C ASN A 247 -3.64 8.67 -3.25
N ASN A 248 -2.71 9.40 -3.85
CA ASN A 248 -2.64 10.83 -3.64
C ASN A 248 -2.97 11.44 -4.99
N LEU A 249 -4.25 11.73 -5.18
CA LEU A 249 -4.74 12.30 -6.43
C LEU A 249 -4.81 13.80 -6.32
N PHE A 250 -3.99 14.47 -7.13
CA PHE A 250 -3.94 15.93 -7.10
C PHE A 250 -4.42 16.56 -8.40
N PRO A 251 -4.49 17.88 -8.42
CA PRO A 251 -4.94 18.65 -9.57
C PRO A 251 -4.83 18.33 -11.06
N ARG A 252 -5.30 18.19 -12.57
CA ARG A 252 -6.58 19.01 -12.91
C ARG A 252 -7.28 18.15 -13.92
N GLY A 253 -7.54 16.84 -13.43
CA GLY A 253 -8.59 16.13 -14.13
C GLY A 253 -9.94 16.83 -14.06
N ARG A 254 -10.88 16.40 -14.89
CA ARG A 254 -12.22 16.99 -14.87
C ARG A 254 -12.82 16.41 -13.60
N SER A 255 -12.30 15.25 -13.23
CA SER A 255 -12.69 14.52 -12.04
C SER A 255 -11.43 13.82 -11.53
N LEU A 256 -11.46 13.34 -10.29
CA LEU A 256 -10.30 12.66 -9.72
C LEU A 256 -10.61 11.18 -9.66
N ILE A 257 -11.86 10.86 -9.33
CA ILE A 257 -12.31 9.48 -9.27
C ILE A 257 -13.68 9.46 -9.90
N GLU A 258 -13.80 8.67 -10.95
CA GLU A 258 -15.05 8.61 -11.69
C GLU A 258 -15.46 7.20 -12.06
N PHE A 259 -16.54 6.76 -11.42
CA PHE A 259 -17.10 5.42 -11.64
C PHE A 259 -18.39 5.52 -12.43
N THR A 260 -18.55 4.71 -13.48
CA THR A 260 -19.84 4.72 -14.14
C THR A 260 -20.35 3.30 -14.04
N GLY A 261 -21.49 3.16 -13.35
CA GLY A 261 -22.12 1.87 -13.19
C GLY A 261 -21.29 0.81 -12.48
N CYS A 262 -20.44 1.20 -11.54
CA CYS A 262 -19.64 0.22 -10.82
C CYS A 262 -20.46 -0.17 -9.60
N ASN A 263 -20.29 -1.40 -9.12
CA ASN A 263 -21.04 -1.83 -7.95
C ASN A 263 -20.12 -2.47 -6.92
N ARG A 264 -20.47 -2.27 -5.65
CA ARG A 264 -19.69 -2.83 -4.54
C ARG A 264 -18.20 -2.52 -4.60
N CYS A 265 -17.83 -1.30 -4.94
CA CYS A 265 -16.42 -0.96 -4.98
C CYS A 265 -16.11 -0.16 -3.72
N SER A 266 -14.84 0.15 -3.50
CA SER A 266 -14.47 0.91 -2.31
C SER A 266 -13.38 1.92 -2.56
N VAL A 267 -13.65 3.16 -2.13
CA VAL A 267 -12.69 4.24 -2.27
C VAL A 267 -12.43 4.74 -0.86
N THR A 268 -11.32 4.27 -0.29
CA THR A 268 -10.95 4.57 1.08
C THR A 268 -9.49 4.96 1.30
N SER A 269 -9.26 5.80 2.31
CA SER A 269 -7.91 6.21 2.69
C SER A 269 -7.15 6.87 1.54
N ASN A 270 -7.76 7.86 0.90
CA ASN A 270 -7.13 8.56 -0.21
C ASN A 270 -7.06 10.06 0.05
N ARG A 271 -6.16 10.72 -0.68
CA ARG A 271 -5.98 12.15 -0.60
C ARG A 271 -6.43 12.73 -1.92
N LEU A 272 -7.51 13.50 -1.90
CA LEU A 272 -8.03 14.10 -3.12
C LEU A 272 -7.94 15.62 -3.11
N GLN A 273 -7.36 16.19 -4.16
CA GLN A 273 -7.24 17.63 -4.30
C GLN A 273 -7.62 18.04 -5.71
N GLY A 274 -8.66 18.84 -5.84
CA GLY A 274 -9.09 19.28 -7.15
C GLY A 274 -9.36 20.77 -7.20
N PHE A 275 -9.47 21.31 -8.42
CA PHE A 275 -9.74 22.73 -8.62
C PHE A 275 -11.13 22.91 -9.22
N TYR A 276 -11.86 21.81 -9.38
CA TYR A 276 -13.17 21.88 -9.98
C TYR A 276 -14.22 20.99 -9.34
N PRO A 277 -15.48 21.28 -9.68
CA PRO A 277 -16.68 20.57 -9.23
C PRO A 277 -16.58 19.10 -9.67
N GLY A 278 -17.22 18.22 -8.92
CA GLY A 278 -17.21 16.80 -9.25
C GLY A 278 -15.87 16.08 -9.27
N MSE A 279 -15.14 16.15 -8.15
CA MSE A 279 -13.84 15.49 -8.04
C MSE A 279 -14.04 13.98 -7.89
O MSE A 279 -13.24 13.19 -8.38
CB MSE A 279 -13.08 16.04 -6.82
CG MSE A 279 -12.40 17.38 -7.06
SE MSE A 279 -12.15 18.45 -5.48
CE MSE A 279 -13.97 19.03 -5.18
N LEU A 280 -15.13 13.62 -7.23
CA LEU A 280 -15.47 12.22 -6.97
C LEU A 280 -16.86 12.00 -7.57
N ARG A 281 -16.95 11.23 -8.64
CA ARG A 281 -18.24 11.00 -9.30
C ARG A 281 -18.73 9.55 -9.38
N LEU A 282 -19.98 9.36 -8.97
CA LEU A 282 -20.64 8.06 -9.02
C LEU A 282 -21.83 8.28 -9.95
N LEU A 283 -21.61 7.90 -11.20
CA LEU A 283 -22.58 8.08 -12.28
C LEU A 283 -23.23 6.84 -12.83
N ASN A 284 -24.32 7.07 -13.56
CA ASN A 284 -25.08 6.04 -14.22
C ASN A 284 -25.33 4.82 -13.35
N GLY A 285 -26.00 5.06 -12.23
CA GLY A 285 -26.36 4.01 -11.31
C GLY A 285 -25.26 3.15 -10.68
N CYS A 286 -24.49 3.72 -9.77
CA CYS A 286 -23.47 2.94 -9.09
C CYS A 286 -24.16 2.47 -7.82
N LYS A 287 -24.06 1.18 -7.52
CA LYS A 287 -24.73 0.63 -6.34
C LYS A 287 -23.80 0.04 -5.28
N GLU A 288 -24.17 0.24 -4.03
CA GLU A 288 -23.46 -0.33 -2.88
C GLU A 288 -21.95 -0.08 -2.76
N ASN A 289 -21.52 1.16 -2.97
CA ASN A 289 -20.11 1.48 -2.87
C ASN A 289 -19.77 2.22 -1.59
N LEU A 290 -18.54 1.98 -1.12
CA LEU A 290 -18.04 2.59 0.10
C LEU A 290 -17.02 3.68 -0.20
N ILE A 291 -17.35 4.91 0.20
CA ILE A 291 -16.47 6.06 0.01
C ILE A 291 -16.25 6.55 1.42
N THR A 292 -15.12 6.20 2.01
CA THR A 292 -14.86 6.59 3.38
C THR A 292 -13.41 6.87 3.70
N ALA A 293 -13.19 7.59 4.80
CA ALA A 293 -11.84 7.92 5.25
C ALA A 293 -10.98 8.61 4.18
N ASN A 294 -11.58 9.50 3.40
CA ASN A 294 -10.85 10.23 2.36
C ASN A 294 -10.80 11.71 2.69
N HIS A 295 -9.71 12.36 2.28
CA HIS A 295 -9.60 13.80 2.49
C HIS A 295 -9.92 14.43 1.15
N ILE A 296 -11.00 15.20 1.13
CA ILE A 296 -11.45 15.83 -0.10
C ILE A 296 -11.33 17.35 -0.03
N ARG A 297 -10.36 17.88 -0.74
CA ARG A 297 -10.09 19.30 -0.76
C ARG A 297 -10.33 19.94 -2.11
N ARG A 298 -11.27 20.87 -2.12
CA ARG A 298 -11.63 21.60 -3.32
C ARG A 298 -11.13 23.03 -3.14
N THR A 299 -10.48 23.57 -4.17
CA THR A 299 -10.01 24.94 -4.09
C THR A 299 -9.86 25.46 -5.50
N ASN A 300 -9.29 26.66 -5.64
CA ASN A 300 -9.14 27.25 -6.96
C ASN A 300 -7.76 26.98 -7.54
N GLU A 301 -7.72 26.83 -8.87
CA GLU A 301 -6.48 26.58 -9.60
C GLU A 301 -5.38 27.52 -9.09
N GLY A 302 -4.26 26.95 -8.67
CA GLY A 302 -3.18 27.75 -8.13
C GLY A 302 -2.00 28.09 -9.04
N TYR A 303 -1.89 27.40 -10.19
CA TYR A 303 -0.78 27.66 -11.11
C TYR A 303 -1.31 28.51 -12.27
N PRO A 304 -0.92 29.80 -12.31
CA PRO A 304 -1.28 30.81 -13.30
C PRO A 304 -1.53 30.38 -14.76
N PRO A 305 -0.60 29.63 -15.38
CA PRO A 305 -0.82 29.19 -16.76
C PRO A 305 -2.19 28.60 -16.99
N PHE A 306 -2.74 27.99 -15.95
CA PHE A 306 -4.04 27.33 -16.03
C PHE A 306 -5.17 28.07 -15.37
N ILE A 307 -4.91 29.28 -14.88
CA ILE A 307 -6.00 29.98 -14.25
C ILE A 307 -7.02 30.31 -15.31
N GLY A 308 -8.28 30.17 -14.95
CA GLY A 308 -9.36 30.45 -15.86
C GLY A 308 -9.93 29.24 -16.57
N ARG A 309 -9.28 28.08 -16.44
CA ARG A 309 -9.78 26.88 -17.11
C ARG A 309 -10.83 26.20 -16.24
N GLY A 310 -11.62 25.31 -16.83
CA GLY A 310 -12.67 24.66 -16.07
C GLY A 310 -13.06 23.29 -16.60
N ASN A 311 -14.11 22.72 -16.02
CA ASN A 311 -14.59 21.41 -16.45
C ASN A 311 -16.05 21.52 -16.84
N GLY A 312 -16.53 22.75 -16.97
CA GLY A 312 -17.90 22.99 -17.38
C GLY A 312 -18.97 22.70 -16.33
N LEU A 313 -18.55 22.33 -15.13
CA LEU A 313 -19.51 22.04 -14.08
C LEU A 313 -19.60 23.20 -13.09
N ASP A 314 -20.79 23.40 -12.53
CA ASP A 314 -20.94 24.48 -11.56
C ASP A 314 -20.85 23.89 -10.15
N ASP A 315 -20.83 24.77 -9.15
CA ASP A 315 -20.69 24.34 -7.76
C ASP A 315 -21.90 23.68 -7.14
N LEU A 316 -22.94 23.45 -7.94
CA LEU A 316 -24.12 22.78 -7.40
C LEU A 316 -24.04 21.30 -7.80
N TYR A 317 -23.08 20.97 -8.66
CA TYR A 317 -22.85 19.59 -9.10
C TYR A 317 -22.37 18.84 -7.86
N GLY A 318 -21.63 19.54 -7.01
CA GLY A 318 -21.11 18.95 -5.80
C GLY A 318 -19.70 18.44 -5.97
N VAL A 319 -18.88 18.53 -4.91
CA VAL A 319 -17.51 18.05 -4.97
C VAL A 319 -17.61 16.53 -5.10
N VAL A 320 -18.64 15.98 -4.46
CA VAL A 320 -18.89 14.55 -4.51
C VAL A 320 -20.29 14.39 -5.05
N HIS A 321 -20.37 13.72 -6.20
CA HIS A 321 -21.62 13.51 -6.90
C HIS A 321 -22.01 12.03 -6.92
N ILE A 322 -23.18 11.73 -6.35
CA ILE A 322 -23.66 10.35 -6.28
C ILE A 322 -25.00 10.11 -6.97
N ALA A 323 -25.00 9.15 -7.89
CA ALA A 323 -26.19 8.77 -8.63
C ALA A 323 -26.15 7.25 -8.59
N GLY A 324 -26.92 6.68 -7.68
CA GLY A 324 -26.97 5.24 -7.53
C GLY A 324 -27.66 4.90 -6.22
N ASP A 325 -27.60 3.64 -5.82
CA ASP A 325 -28.26 3.23 -4.58
C ASP A 325 -27.32 2.63 -3.54
N ASN A 326 -27.77 2.69 -2.29
CA ASN A 326 -27.06 2.11 -1.15
C ASN A 326 -25.58 2.38 -0.97
N ASN A 327 -25.12 3.53 -1.42
CA ASN A 327 -23.72 3.90 -1.26
C ASN A 327 -23.53 4.53 0.11
N LEU A 328 -22.35 4.32 0.71
CA LEU A 328 -22.05 4.87 2.02
C LEU A 328 -20.89 5.85 1.98
N ILE A 329 -21.22 7.15 2.01
CA ILE A 329 -20.21 8.20 1.99
C ILE A 329 -20.04 8.66 3.44
N SER A 330 -18.97 8.23 4.09
CA SER A 330 -18.78 8.58 5.48
C SER A 330 -17.32 8.80 5.88
N ASP A 331 -17.14 9.29 7.10
CA ASP A 331 -15.83 9.54 7.66
C ASP A 331 -14.88 10.22 6.68
N ASN A 332 -15.37 11.24 5.99
CA ASN A 332 -14.58 12.01 5.02
C ASN A 332 -14.40 13.43 5.53
N LEU A 333 -13.29 14.08 5.17
CA LEU A 333 -13.05 15.46 5.58
C LEU A 333 -13.03 16.36 4.34
N PHE A 334 -13.99 17.27 4.27
CA PHE A 334 -14.08 18.19 3.15
C PHE A 334 -13.52 19.58 3.48
N ALA A 335 -12.48 19.99 2.75
CA ALA A 335 -11.86 21.30 2.95
C ALA A 335 -12.09 22.08 1.66
N TYR A 336 -13.03 23.02 1.71
CA TYR A 336 -13.39 23.81 0.54
C TYR A 336 -13.01 25.28 0.68
N ASN A 337 -12.11 25.73 -0.19
CA ASN A 337 -11.65 27.12 -0.19
C ASN A 337 -11.72 27.65 -1.62
N VAL A 338 -12.78 28.39 -1.91
CA VAL A 338 -12.98 28.94 -3.25
C VAL A 338 -13.54 30.35 -3.18
N PRO A 339 -12.91 31.29 -3.91
CA PRO A 339 -13.32 32.70 -3.98
C PRO A 339 -14.81 32.85 -4.28
N PRO A 340 -15.54 33.60 -3.43
CA PRO A 340 -16.97 33.79 -3.68
C PRO A 340 -17.26 34.07 -5.13
N ALA A 341 -16.33 34.81 -5.76
CA ALA A 341 -16.46 35.20 -7.16
C ALA A 341 -16.18 34.10 -8.17
N ASN A 342 -15.64 32.98 -7.74
CA ASN A 342 -15.37 31.93 -8.70
C ASN A 342 -16.45 30.87 -8.57
N ILE A 343 -17.35 31.11 -7.62
CA ILE A 343 -18.43 30.19 -7.36
C ILE A 343 -19.60 30.28 -8.34
N ALA A 344 -19.82 29.16 -9.01
CA ALA A 344 -20.85 28.99 -10.02
C ALA A 344 -22.09 28.30 -9.44
N PRO A 345 -23.26 28.95 -9.50
CA PRO A 345 -23.78 30.23 -9.98
C PRO A 345 -23.62 31.36 -8.95
N ALA A 346 -23.49 32.58 -9.44
CA ALA A 346 -23.32 33.73 -8.56
C ALA A 346 -24.40 33.68 -7.51
N GLY A 347 -23.96 33.81 -6.26
CA GLY A 347 -24.88 33.82 -5.15
C GLY A 347 -25.09 32.42 -4.59
N ALA A 348 -24.76 31.39 -5.35
CA ALA A 348 -25.02 30.06 -4.84
C ALA A 348 -24.04 29.52 -3.80
N GLN A 349 -24.61 28.67 -2.95
CA GLN A 349 -23.88 28.01 -1.89
C GLN A 349 -23.32 26.73 -2.47
N PRO A 350 -22.00 26.52 -2.32
CA PRO A 350 -21.32 25.33 -2.81
C PRO A 350 -21.89 24.08 -2.16
N THR A 351 -22.02 23.01 -2.94
CA THR A 351 -22.54 21.75 -2.42
C THR A 351 -21.41 20.77 -2.23
N GLN A 352 -21.19 20.33 -0.99
CA GLN A 352 -20.13 19.38 -0.73
C GLN A 352 -20.55 18.01 -1.24
N ILE A 353 -21.69 17.52 -0.76
CA ILE A 353 -22.16 16.21 -1.19
C ILE A 353 -23.56 16.29 -1.82
N LEU A 354 -23.64 15.83 -3.07
CA LEU A 354 -24.91 15.82 -3.78
C LEU A 354 -25.33 14.41 -4.12
N ILE A 355 -26.53 14.07 -3.69
CA ILE A 355 -27.10 12.76 -3.94
C ILE A 355 -28.13 13.05 -5.04
N ALA A 356 -27.65 12.96 -6.27
CA ALA A 356 -28.39 13.23 -7.50
C ALA A 356 -29.67 12.43 -7.70
N GLY A 357 -29.61 11.17 -7.31
CA GLY A 357 -30.76 10.31 -7.46
C GLY A 357 -30.37 9.00 -6.83
N GLY A 358 -31.35 8.18 -6.54
CA GLY A 358 -31.00 6.91 -5.94
C GLY A 358 -31.75 6.65 -4.65
N ASP A 359 -31.66 5.40 -4.25
CA ASP A 359 -32.33 4.93 -3.07
C ASP A 359 -31.39 4.44 -1.99
N ALA A 360 -31.75 4.76 -0.74
CA ALA A 360 -31.01 4.32 0.42
C ALA A 360 -29.58 4.81 0.63
N ASN A 361 -29.18 5.89 -0.03
CA ASN A 361 -27.82 6.34 0.19
C ASN A 361 -27.68 6.84 1.62
N VAL A 362 -26.53 6.55 2.21
CA VAL A 362 -26.26 6.94 3.59
C VAL A 362 -25.05 7.85 3.67
N VAL A 363 -25.23 9.01 4.30
CA VAL A 363 -24.17 9.99 4.45
C VAL A 363 -23.98 10.30 5.93
N ALA A 364 -22.91 9.77 6.51
CA ALA A 364 -22.61 9.97 7.92
C ALA A 364 -21.18 10.38 8.25
N LEU A 365 -21.05 11.14 9.33
CA LEU A 365 -19.77 11.64 9.83
C LEU A 365 -18.85 12.18 8.74
N ASN A 366 -19.23 13.34 8.20
CA ASN A 366 -18.45 14.03 7.17
C ASN A 366 -18.26 15.45 7.65
N HIS A 367 -17.00 15.81 7.92
CA HIS A 367 -16.67 17.13 8.41
C HIS A 367 -16.39 18.10 7.26
N VAL A 368 -17.14 19.19 7.22
CA VAL A 368 -16.97 20.20 6.18
C VAL A 368 -16.35 21.47 6.75
N VAL A 369 -15.41 22.02 5.99
CA VAL A 369 -14.74 23.25 6.36
C VAL A 369 -14.74 24.07 5.10
N SER A 370 -15.31 25.26 5.17
CA SER A 370 -15.33 26.09 3.99
C SER A 370 -15.36 27.55 4.34
N ASP A 371 -14.79 28.35 3.45
CA ASP A 371 -14.70 29.78 3.61
C ASP A 371 -16.05 30.46 3.37
N VAL A 372 -17.00 29.71 2.83
CA VAL A 372 -18.30 30.27 2.54
C VAL A 372 -19.43 29.39 3.04
N ALA A 373 -20.61 29.97 3.16
CA ALA A 373 -21.77 29.23 3.58
C ALA A 373 -21.88 28.14 2.51
N SER A 374 -22.01 26.89 2.95
CA SER A 374 -22.09 25.78 2.02
C SER A 374 -23.09 24.73 2.45
N GLN A 375 -23.71 24.07 1.49
CA GLN A 375 -24.66 23.01 1.82
C GLN A 375 -23.81 21.74 1.82
N HIS A 376 -23.58 21.22 3.02
CA HIS A 376 -22.77 20.02 3.20
C HIS A 376 -23.34 18.83 2.43
N VAL A 377 -24.66 18.72 2.46
CA VAL A 377 -25.31 17.63 1.76
C VAL A 377 -26.60 18.10 1.13
N VAL A 378 -26.80 17.69 -0.11
CA VAL A 378 -28.02 18.04 -0.82
C VAL A 378 -28.58 16.76 -1.40
N LEU A 379 -29.84 16.50 -1.08
CA LEU A 379 -30.51 15.32 -1.59
C LEU A 379 -31.52 15.84 -2.59
N ASP A 380 -31.34 15.43 -3.82
CA ASP A 380 -32.19 15.85 -4.92
C ASP A 380 -33.57 15.21 -4.82
N ALA A 381 -34.58 15.92 -5.33
CA ALA A 381 -35.97 15.45 -5.27
C ALA A 381 -36.22 14.04 -5.81
N SER A 382 -35.25 13.49 -6.53
CA SER A 382 -35.39 12.15 -7.09
C SER A 382 -35.08 11.12 -6.03
N THR A 383 -34.17 11.45 -5.13
CA THR A 383 -33.76 10.55 -4.07
C THR A 383 -34.87 10.06 -3.16
N THR A 384 -34.70 8.84 -2.67
CA THR A 384 -35.63 8.23 -1.75
C THR A 384 -34.90 7.49 -0.66
N HIS A 385 -35.49 7.54 0.52
CA HIS A 385 -35.00 6.85 1.70
C HIS A 385 -33.52 7.05 2.07
N SER A 386 -33.00 8.25 1.80
CA SER A 386 -31.60 8.60 2.11
C SER A 386 -31.45 8.83 3.62
N LYS A 387 -30.21 8.77 4.10
CA LYS A 387 -29.93 8.98 5.53
C LYS A 387 -28.76 9.94 5.69
N VAL A 388 -28.92 10.98 6.49
CA VAL A 388 -27.82 11.92 6.71
C VAL A 388 -27.60 12.09 8.21
N LEU A 389 -26.44 11.63 8.66
CA LEU A 389 -26.07 11.69 10.06
C LEU A 389 -24.76 12.43 10.28
N ASP A 390 -24.73 13.26 11.32
CA ASP A 390 -23.53 13.97 11.68
C ASP A 390 -22.71 14.49 10.50
N SER A 391 -23.36 15.19 9.58
CA SER A 391 -22.68 15.74 8.42
C SER A 391 -23.07 17.22 8.24
N GLY A 392 -23.51 17.83 9.33
CA GLY A 392 -23.89 19.24 9.28
C GLY A 392 -25.15 19.56 10.07
N THR A 393 -25.35 20.86 10.34
CA THR A 393 -26.53 21.29 11.07
C THR A 393 -27.67 21.25 10.08
N ALA A 394 -28.91 21.35 10.57
CA ALA A 394 -30.06 21.31 9.69
C ALA A 394 -30.01 22.38 8.60
N SER A 395 -29.32 23.48 8.85
CA SER A 395 -29.29 24.53 7.83
C SER A 395 -28.11 24.38 6.85
N GLN A 396 -27.32 23.34 7.04
CA GLN A 396 -26.20 23.07 6.16
C GLN A 396 -26.59 21.84 5.34
N ILE A 397 -27.85 21.42 5.48
CA ILE A 397 -28.40 20.25 4.78
C ILE A 397 -29.70 20.55 4.03
N THR A 398 -29.71 20.28 2.72
CA THR A 398 -30.92 20.50 1.92
C THR A 398 -31.46 19.16 1.42
N SER A 399 -32.67 18.82 1.84
CA SER A 399 -33.30 17.59 1.41
C SER A 399 -34.55 17.94 0.62
N TYR A 400 -34.54 17.62 -0.67
CA TYR A 400 -35.70 17.92 -1.52
C TYR A 400 -36.61 16.72 -1.54
N SER A 401 -36.32 15.78 -0.66
CA SER A 401 -37.14 14.60 -0.57
C SER A 401 -37.81 14.71 0.77
N SER A 402 -38.82 13.91 1.01
CA SER A 402 -39.48 13.97 2.29
C SER A 402 -39.33 12.70 3.10
N ASP A 403 -38.62 11.73 2.54
CA ASP A 403 -38.41 10.49 3.28
C ASP A 403 -36.97 10.46 3.78
N THR A 404 -36.28 11.59 3.67
CA THR A 404 -34.91 11.65 4.14
C THR A 404 -34.90 11.73 5.65
N ALA A 405 -34.06 10.91 6.26
CA ALA A 405 -33.90 10.90 7.70
C ALA A 405 -32.61 11.67 7.97
N ILE A 406 -32.71 12.71 8.78
CA ILE A 406 -31.56 13.56 9.10
C ILE A 406 -31.32 13.69 10.59
N ARG A 407 -30.05 13.69 10.99
CA ARG A 407 -29.68 13.88 12.39
C ARG A 407 -28.59 14.93 12.47
N PRO A 408 -28.90 16.08 13.06
CA PRO A 408 -27.95 17.18 13.19
C PRO A 408 -26.61 16.84 13.83
N THR A 409 -25.55 17.52 13.38
CA THR A 409 -24.26 17.33 14.02
C THR A 409 -24.68 18.25 15.17
N PRO A 410 -24.65 17.75 16.41
CA PRO A 410 -25.06 18.62 17.51
C PRO A 410 -24.53 20.05 17.47
N PRO B 12 29.12 -10.50 -7.52
CA PRO B 12 29.36 -11.15 -6.22
C PRO B 12 28.11 -11.48 -5.42
N ASN B 13 28.10 -12.70 -4.86
CA ASN B 13 26.98 -13.20 -4.08
C ASN B 13 25.67 -13.19 -4.86
N THR B 14 25.79 -13.19 -6.18
CA THR B 14 24.61 -13.19 -7.04
C THR B 14 24.68 -14.44 -7.91
N TYR B 15 23.61 -15.23 -7.91
CA TYR B 15 23.57 -16.45 -8.73
C TYR B 15 22.35 -16.38 -9.65
N ASP B 16 22.42 -17.08 -10.77
CA ASP B 16 21.32 -17.15 -11.74
C ASP B 16 21.08 -18.66 -11.73
N VAL B 17 19.87 -19.13 -11.41
CA VAL B 17 19.71 -20.57 -11.37
C VAL B 17 20.06 -21.32 -12.65
N THR B 18 19.92 -20.69 -13.81
CA THR B 18 20.23 -21.38 -15.07
C THR B 18 21.70 -21.59 -15.43
N THR B 19 22.62 -20.82 -14.85
CA THR B 19 24.05 -20.94 -15.18
C THR B 19 24.85 -21.79 -14.19
N TRP B 20 24.26 -22.06 -13.05
CA TRP B 20 24.95 -22.78 -12.01
C TRP B 20 24.89 -24.31 -12.05
N ARG B 21 26.05 -24.93 -12.28
CA ARG B 21 26.14 -26.38 -12.36
C ARG B 21 26.42 -27.02 -11.02
N ILE B 22 25.81 -28.17 -10.80
CA ILE B 22 26.00 -28.94 -9.58
C ILE B 22 27.13 -29.88 -9.91
N LYS B 23 28.31 -29.52 -9.42
CA LYS B 23 29.53 -30.25 -9.69
C LYS B 23 29.45 -31.78 -9.64
N ALA B 24 28.81 -32.33 -8.61
CA ALA B 24 28.70 -33.78 -8.52
C ALA B 24 27.56 -34.31 -9.38
N HIS B 25 26.65 -33.42 -9.78
CA HIS B 25 25.52 -33.82 -10.63
C HIS B 25 25.19 -32.82 -11.74
N PRO B 26 26.04 -32.76 -12.77
CA PRO B 26 25.94 -31.90 -13.96
C PRO B 26 24.66 -31.85 -14.79
N GLU B 27 23.92 -32.93 -14.95
CA GLU B 27 22.72 -32.79 -15.78
C GLU B 27 21.45 -32.48 -14.96
N VAL B 28 21.61 -32.28 -13.64
CA VAL B 28 20.49 -31.92 -12.78
C VAL B 28 20.46 -30.38 -12.82
N THR B 29 19.64 -29.84 -13.72
CA THR B 29 19.49 -28.42 -13.94
C THR B 29 18.27 -27.78 -13.25
N ALA B 30 18.11 -26.48 -13.44
CA ALA B 30 16.98 -25.78 -12.86
C ALA B 30 15.70 -26.33 -13.48
N GLN B 31 15.80 -26.77 -14.74
CA GLN B 31 14.62 -27.31 -15.44
C GLN B 31 14.18 -28.66 -14.87
N SER B 32 15.14 -29.53 -14.56
CA SER B 32 14.80 -30.86 -14.03
C SER B 32 14.55 -30.84 -12.52
N ASP B 33 15.35 -30.08 -11.77
CA ASP B 33 15.16 -29.97 -10.33
C ASP B 33 15.80 -28.71 -9.80
N ILE B 34 15.10 -27.59 -9.93
CA ILE B 34 15.60 -26.31 -9.45
C ILE B 34 15.79 -26.38 -7.95
N GLY B 35 15.12 -27.35 -7.32
CA GLY B 35 15.25 -27.52 -5.89
C GLY B 35 16.67 -27.94 -5.57
N ALA B 36 17.16 -28.94 -6.30
CA ALA B 36 18.51 -29.44 -6.12
C ALA B 36 19.53 -28.34 -6.38
N VAL B 37 19.26 -27.55 -7.42
CA VAL B 37 20.13 -26.44 -7.82
C VAL B 37 20.24 -25.37 -6.74
N ILE B 38 19.11 -24.96 -6.18
CA ILE B 38 19.12 -23.94 -5.15
C ILE B 38 19.80 -24.46 -3.88
N ASN B 39 19.58 -25.72 -3.53
CA ASN B 39 20.23 -26.23 -2.34
C ASN B 39 21.75 -26.22 -2.53
N ASP B 40 22.22 -26.54 -3.73
CA ASP B 40 23.67 -26.52 -3.95
C ASP B 40 24.19 -25.10 -3.91
N ILE B 41 23.37 -24.13 -4.32
CA ILE B 41 23.83 -22.74 -4.26
C ILE B 41 23.92 -22.32 -2.80
N ILE B 42 22.89 -22.61 -2.01
CA ILE B 42 22.93 -22.24 -0.60
C ILE B 42 24.12 -22.91 0.06
N ALA B 43 24.48 -24.10 -0.40
CA ALA B 43 25.61 -24.82 0.14
C ALA B 43 26.89 -24.04 -0.20
N ASP B 44 26.91 -23.38 -1.35
CA ASP B 44 28.10 -22.63 -1.74
C ASP B 44 28.19 -21.33 -0.94
N ILE B 45 27.04 -20.77 -0.58
CA ILE B 45 27.00 -19.53 0.19
C ILE B 45 27.58 -19.82 1.56
N LYS B 46 27.15 -20.91 2.18
CA LYS B 46 27.64 -21.30 3.50
C LYS B 46 29.11 -21.67 3.37
N GLN B 47 29.47 -22.23 2.16
CA GLN B 47 30.84 -22.63 1.87
C GLN B 47 31.70 -21.42 2.16
N ARG B 48 31.36 -20.34 1.48
CA ARG B 48 32.08 -19.08 1.50
C ARG B 48 31.92 -18.18 2.74
N GLN B 49 30.71 -18.02 3.24
CA GLN B 49 30.49 -17.16 4.40
C GLN B 49 30.44 -17.99 5.68
N THR B 50 31.60 -18.22 6.27
CA THR B 50 31.72 -19.00 7.49
C THR B 50 31.75 -18.16 8.78
N SER B 51 32.01 -16.88 8.64
CA SER B 51 32.07 -15.97 9.79
C SER B 51 30.75 -15.32 10.17
N PRO B 52 30.29 -15.51 11.42
CA PRO B 52 29.04 -14.89 11.84
C PRO B 52 29.08 -13.38 11.64
N ASP B 53 30.28 -12.83 11.51
CA ASP B 53 30.44 -11.39 11.34
C ASP B 53 30.56 -11.05 9.86
N ALA B 54 30.61 -12.07 9.03
CA ALA B 54 30.69 -11.89 7.59
C ALA B 54 29.73 -12.82 6.88
N ARG B 55 28.43 -12.58 7.09
CA ARG B 55 27.41 -13.38 6.44
C ARG B 55 26.27 -12.52 5.90
N PRO B 56 26.59 -11.72 4.86
CA PRO B 56 25.81 -10.77 4.06
C PRO B 56 24.61 -11.45 3.42
N GLY B 57 24.82 -12.68 3.00
CA GLY B 57 23.77 -13.43 2.35
C GLY B 57 24.04 -13.43 0.87
N ALA B 58 22.99 -13.58 0.08
CA ALA B 58 23.16 -13.61 -1.36
C ALA B 58 21.84 -13.46 -2.07
N ALA B 59 21.93 -13.33 -3.38
CA ALA B 59 20.75 -13.20 -4.21
C ALA B 59 20.76 -14.30 -5.26
N ILE B 60 19.65 -15.02 -5.32
CA ILE B 60 19.48 -16.09 -6.30
C ILE B 60 18.38 -15.62 -7.24
N ILE B 61 18.76 -15.43 -8.50
CA ILE B 61 17.85 -14.95 -9.54
C ILE B 61 17.23 -16.10 -10.33
N ILE B 62 15.92 -16.03 -10.57
CA ILE B 62 15.27 -17.09 -11.34
C ILE B 62 14.71 -16.54 -12.65
N PRO B 63 15.46 -16.71 -13.74
CA PRO B 63 15.11 -16.27 -15.10
C PRO B 63 13.73 -16.72 -15.58
N PRO B 64 13.13 -15.99 -16.53
CA PRO B 64 11.82 -16.39 -17.03
C PRO B 64 11.91 -17.84 -17.51
N GLY B 65 10.98 -18.69 -17.07
CA GLY B 65 11.03 -20.06 -17.51
C GLY B 65 10.23 -21.07 -16.73
N ASP B 66 10.24 -22.30 -17.25
CA ASP B 66 9.54 -23.43 -16.66
C ASP B 66 10.55 -24.28 -15.90
N TYR B 67 10.39 -24.39 -14.59
CA TYR B 67 11.32 -25.17 -13.76
C TYR B 67 10.59 -26.15 -12.83
N ASP B 68 11.01 -27.42 -12.86
CA ASP B 68 10.44 -28.47 -12.02
C ASP B 68 11.16 -28.55 -10.69
N LEU B 69 10.42 -28.60 -9.59
CA LEU B 69 11.05 -28.73 -8.28
C LEU B 69 10.65 -30.06 -7.66
N HIS B 70 11.61 -30.98 -7.56
CA HIS B 70 11.37 -32.28 -6.97
C HIS B 70 11.95 -32.27 -5.55
N THR B 71 13.10 -31.61 -5.36
CA THR B 71 13.77 -31.54 -4.06
C THR B 71 13.49 -30.28 -3.23
N GLN B 72 12.97 -30.49 -2.02
CA GLN B 72 12.65 -29.41 -1.09
C GLN B 72 13.87 -28.54 -0.75
N VAL B 73 13.70 -27.23 -0.81
CA VAL B 73 14.78 -26.30 -0.51
C VAL B 73 14.75 -25.86 0.93
N VAL B 74 15.84 -26.09 1.63
CA VAL B 74 15.93 -25.69 3.03
C VAL B 74 16.75 -24.41 3.09
N VAL B 75 16.08 -23.32 3.48
CA VAL B 75 16.71 -22.02 3.57
C VAL B 75 17.12 -21.73 4.99
N ASP B 76 18.43 -21.67 5.21
CA ASP B 76 18.95 -21.40 6.53
C ASP B 76 20.01 -20.30 6.58
N VAL B 77 19.91 -19.34 5.67
CA VAL B 77 20.83 -18.24 5.72
C VAL B 77 20.03 -16.95 5.73
N SER B 78 20.44 -16.08 6.63
CA SER B 78 19.79 -14.80 6.78
C SER B 78 20.09 -13.91 5.60
N TYR B 79 19.14 -13.03 5.32
CA TYR B 79 19.26 -12.08 4.23
C TYR B 79 19.40 -12.75 2.85
N LEU B 80 18.73 -13.90 2.67
CA LEU B 80 18.75 -14.61 1.39
C LEU B 80 17.61 -14.04 0.56
N THR B 81 17.92 -13.71 -0.69
CA THR B 81 16.92 -13.17 -1.61
C THR B 81 16.76 -14.08 -2.80
N ILE B 82 15.55 -14.58 -3.01
CA ILE B 82 15.28 -15.41 -4.16
C ILE B 82 14.25 -14.61 -4.94
N ALA B 83 14.68 -14.10 -6.09
CA ALA B 83 13.82 -13.28 -6.91
C ALA B 83 13.71 -13.71 -8.36
N GLY B 84 12.60 -13.34 -8.98
CA GLY B 84 12.37 -13.67 -10.37
C GLY B 84 11.96 -12.40 -11.10
N PHE B 85 11.32 -12.54 -12.26
CA PHE B 85 10.90 -11.38 -13.03
C PHE B 85 9.38 -11.26 -13.15
N GLY B 86 8.64 -12.15 -12.49
CA GLY B 86 7.20 -12.09 -12.58
C GLY B 86 6.44 -13.08 -11.73
N HIS B 87 5.19 -12.76 -11.43
CA HIS B 87 4.32 -13.61 -10.61
C HIS B 87 3.65 -14.68 -11.48
N GLY B 88 3.61 -14.40 -12.78
CA GLY B 88 3.04 -15.30 -13.76
C GLY B 88 1.78 -16.06 -13.40
N PHE B 89 0.80 -15.42 -12.78
CA PHE B 89 -0.40 -16.17 -12.42
C PHE B 89 -1.21 -16.55 -13.65
N PHE B 90 -1.89 -17.68 -13.53
CA PHE B 90 -2.72 -18.24 -14.58
C PHE B 90 -3.74 -19.12 -13.86
N SER B 91 -5.01 -18.90 -14.19
CA SER B 91 -6.13 -19.62 -13.58
C SER B 91 -6.21 -21.09 -13.98
N ARG B 92 -5.57 -21.97 -13.21
CA ARG B 92 -5.63 -23.39 -13.52
C ARG B 92 -7.04 -23.90 -13.29
N SER B 93 -7.76 -23.22 -12.39
CA SER B 93 -9.13 -23.59 -12.07
C SER B 93 -10.01 -23.50 -13.31
N ILE B 94 -9.93 -22.39 -14.03
CA ILE B 94 -10.73 -22.22 -15.23
C ILE B 94 -10.30 -23.21 -16.31
N LEU B 95 -9.00 -23.47 -16.42
CA LEU B 95 -8.52 -24.44 -17.41
C LEU B 95 -9.12 -25.82 -17.15
N ASP B 96 -9.06 -26.24 -15.88
CA ASP B 96 -9.57 -27.55 -15.44
C ASP B 96 -11.07 -27.73 -15.60
N ASN B 97 -11.80 -26.63 -15.74
CA ASN B 97 -13.24 -26.70 -15.86
C ASN B 97 -13.71 -26.22 -17.23
N SER B 98 -12.75 -26.06 -18.13
CA SER B 98 -13.02 -25.60 -19.50
C SER B 98 -12.51 -26.60 -20.53
N ASN B 99 -12.77 -26.30 -21.79
CA ASN B 99 -12.32 -27.13 -22.91
C ASN B 99 -11.06 -26.49 -23.52
N PRO B 100 -9.89 -27.01 -23.18
CA PRO B 100 -8.57 -26.56 -23.63
C PRO B 100 -8.27 -26.51 -25.14
N THR B 101 -9.18 -27.00 -25.98
CA THR B 101 -8.94 -27.00 -27.43
C THR B 101 -8.57 -25.65 -28.04
N GLY B 102 -7.39 -25.60 -28.65
CA GLY B 102 -6.93 -24.39 -29.29
C GLY B 102 -6.45 -23.31 -28.34
N TRP B 103 -6.34 -23.65 -27.05
CA TRP B 103 -5.88 -22.69 -26.05
C TRP B 103 -4.37 -22.43 -26.27
N GLN B 104 -4.00 -21.15 -26.21
CA GLN B 104 -2.61 -20.72 -26.43
C GLN B 104 -1.71 -20.81 -25.20
N ASN B 105 -2.33 -21.08 -24.06
CA ASN B 105 -1.61 -21.23 -22.79
C ASN B 105 -2.33 -22.28 -21.96
N LEU B 106 -1.56 -23.17 -21.34
CA LEU B 106 -2.14 -24.21 -20.50
C LEU B 106 -1.46 -24.19 -19.13
N GLN B 107 -0.58 -23.21 -18.92
CA GLN B 107 0.17 -23.13 -17.68
C GLN B 107 0.72 -21.77 -17.24
N PRO B 108 0.94 -21.62 -15.93
CA PRO B 108 1.48 -20.42 -15.28
C PRO B 108 2.84 -20.05 -15.89
N GLY B 109 3.18 -18.76 -15.88
CA GLY B 109 4.44 -18.33 -16.47
C GLY B 109 5.42 -17.54 -15.62
N ALA B 110 6.20 -16.69 -16.27
CA ALA B 110 7.22 -15.87 -15.59
C ALA B 110 8.27 -16.84 -15.05
N SER B 111 8.81 -16.55 -13.87
CA SER B 111 9.80 -17.43 -13.26
C SER B 111 8.96 -18.49 -12.54
N HIS B 112 8.49 -19.42 -13.37
CA HIS B 112 7.59 -20.51 -13.05
C HIS B 112 8.23 -21.77 -12.44
N ILE B 113 7.93 -22.01 -11.16
CA ILE B 113 8.45 -23.19 -10.48
C ILE B 113 7.30 -24.14 -10.23
N ARG B 114 7.40 -25.33 -10.80
CA ARG B 114 6.36 -26.32 -10.63
C ARG B 114 6.79 -27.16 -9.45
N VAL B 115 6.00 -27.04 -8.40
CA VAL B 115 6.22 -27.73 -7.15
C VAL B 115 5.76 -29.17 -7.28
N LEU B 116 6.73 -30.08 -7.35
CA LEU B 116 6.45 -31.51 -7.48
C LEU B 116 7.08 -32.22 -6.30
N THR B 117 6.81 -31.71 -5.11
CA THR B 117 7.36 -32.26 -3.89
C THR B 117 6.77 -33.56 -3.42
N SER B 118 7.63 -34.34 -2.75
CA SER B 118 7.26 -35.65 -2.20
C SER B 118 6.63 -35.46 -0.82
N PRO B 119 5.72 -36.38 -0.44
CA PRO B 119 5.06 -36.32 0.86
C PRO B 119 5.98 -35.98 2.05
N SER B 120 7.16 -36.60 2.08
CA SER B 120 8.12 -36.40 3.16
C SER B 120 8.77 -35.02 3.24
N ALA B 121 8.55 -34.19 2.21
CA ALA B 121 9.09 -32.84 2.17
C ALA B 121 8.13 -31.99 1.34
N PRO B 122 6.93 -31.74 1.87
CA PRO B 122 5.84 -30.96 1.27
C PRO B 122 6.23 -29.61 0.64
N GLN B 123 6.89 -28.80 1.45
CA GLN B 123 7.29 -27.45 1.11
C GLN B 123 8.38 -27.29 0.04
N ALA B 124 8.12 -26.42 -0.93
CA ALA B 124 9.10 -26.15 -1.98
C ALA B 124 10.25 -25.45 -1.28
N PHE B 125 9.88 -24.53 -0.40
CA PHE B 125 10.87 -23.79 0.38
C PHE B 125 10.53 -23.87 1.86
N LEU B 126 11.49 -24.34 2.64
CA LEU B 126 11.31 -24.44 4.08
C LEU B 126 12.45 -23.69 4.72
N VAL B 127 12.10 -22.55 5.31
CA VAL B 127 13.03 -21.68 5.97
C VAL B 127 13.09 -22.03 7.44
N LYS B 128 14.27 -22.39 7.90
CA LYS B 128 14.42 -22.74 9.31
C LYS B 128 15.86 -22.87 9.70
N ARG B 129 16.14 -22.56 10.96
CA ARG B 129 17.48 -22.68 11.45
C ARG B 129 17.48 -22.88 12.94
N ALA B 130 18.47 -23.64 13.39
CA ALA B 130 18.60 -23.92 14.79
C ALA B 130 19.60 -22.91 15.32
N GLY B 131 19.84 -23.03 16.61
CA GLY B 131 20.78 -22.16 17.27
C GLY B 131 20.25 -20.75 17.36
N ASP B 132 21.13 -19.86 17.77
CA ASP B 132 20.72 -18.50 17.90
C ASP B 132 21.45 -17.68 16.86
N PRO B 133 20.83 -16.60 16.41
CA PRO B 133 20.11 -15.43 15.96
C PRO B 133 18.92 -15.96 15.21
N ARG B 134 17.79 -15.27 15.29
CA ARG B 134 16.67 -15.76 14.55
C ARG B 134 16.99 -15.31 13.16
N LEU B 135 16.46 -16.02 12.18
CA LEU B 135 16.68 -15.67 10.81
C LEU B 135 16.07 -14.31 10.54
N SER B 136 16.80 -13.50 9.79
CA SER B 136 16.32 -12.17 9.50
C SER B 136 16.60 -11.73 8.08
N GLY B 137 15.80 -10.77 7.65
CA GLY B 137 15.90 -10.18 6.34
C GLY B 137 15.73 -11.05 5.10
N ILE B 138 15.15 -12.23 5.23
CA ILE B 138 14.96 -13.07 4.05
C ILE B 138 13.84 -12.52 3.18
N VAL B 139 14.13 -12.46 1.87
CA VAL B 139 13.21 -11.92 0.89
C VAL B 139 12.89 -12.91 -0.24
N PHE B 140 11.59 -13.08 -0.52
CA PHE B 140 11.12 -13.96 -1.59
C PHE B 140 10.33 -13.06 -2.52
N ARG B 141 10.77 -12.88 -3.77
CA ARG B 141 10.02 -12.00 -4.62
C ARG B 141 10.01 -12.24 -6.10
N ASP B 142 8.96 -11.70 -6.71
CA ASP B 142 8.70 -11.73 -8.13
C ASP B 142 8.88 -13.04 -8.91
N PHE B 143 8.42 -14.16 -8.34
CA PHE B 143 8.46 -15.44 -9.04
C PHE B 143 7.20 -16.25 -8.77
N CYS B 144 7.01 -17.34 -9.50
CA CYS B 144 5.80 -18.13 -9.40
C CYS B 144 5.89 -19.57 -8.86
N LEU B 145 5.02 -19.89 -7.91
CA LEU B 145 4.95 -21.22 -7.31
C LEU B 145 3.62 -21.86 -7.70
N ASP B 146 3.72 -22.94 -8.48
CA ASP B 146 2.55 -23.62 -9.01
C ASP B 146 2.49 -25.10 -8.58
N GLY B 147 1.38 -25.48 -7.94
CA GLY B 147 1.19 -26.84 -7.46
C GLY B 147 0.74 -27.82 -8.53
N VAL B 148 0.63 -27.30 -9.75
CA VAL B 148 0.23 -28.10 -10.91
C VAL B 148 -1.20 -28.63 -10.94
N GLY B 149 -1.63 -29.34 -9.91
CA GLY B 149 -2.98 -29.87 -9.92
C GLY B 149 -3.51 -30.35 -8.58
N PHE B 150 -4.82 -30.56 -8.51
CA PHE B 150 -5.45 -31.02 -7.28
C PHE B 150 -5.76 -32.51 -7.33
N THR B 151 -5.60 -33.20 -6.21
CA THR B 151 -5.75 -34.65 -6.17
C THR B 151 -6.49 -35.22 -4.97
N PRO B 152 -7.45 -36.15 -5.16
CA PRO B 152 -8.14 -36.91 -6.22
C PRO B 152 -9.04 -36.10 -7.17
N GLY B 153 -9.82 -35.18 -6.60
CA GLY B 153 -10.69 -34.35 -7.43
C GLY B 153 -9.90 -33.20 -8.03
N LYS B 154 -10.23 -32.84 -9.26
CA LYS B 154 -9.53 -31.75 -9.91
C LYS B 154 -9.87 -30.41 -9.26
N ASN B 155 -11.00 -30.38 -8.56
CA ASN B 155 -11.45 -29.17 -7.88
C ASN B 155 -11.43 -29.35 -6.36
N SER B 156 -10.57 -30.24 -5.87
CA SER B 156 -10.47 -30.55 -4.45
C SER B 156 -9.71 -29.54 -3.60
N TYR B 157 -8.79 -28.79 -4.20
CA TYR B 157 -7.97 -27.82 -3.46
C TYR B 157 -7.09 -28.60 -2.49
N HIS B 158 -6.78 -29.84 -2.85
CA HIS B 158 -5.95 -30.67 -2.01
C HIS B 158 -4.85 -31.28 -2.84
N ASN B 159 -3.63 -31.30 -2.32
CA ASN B 159 -2.56 -31.92 -3.06
C ASN B 159 -1.32 -32.07 -2.19
N GLY B 160 -1.48 -31.73 -0.91
CA GLY B 160 -0.39 -31.86 0.05
C GLY B 160 0.89 -31.09 -0.20
N LYS B 161 0.86 -30.11 -1.10
CA LYS B 161 2.07 -29.33 -1.38
C LYS B 161 2.03 -27.96 -0.72
N THR B 162 3.19 -27.43 -0.35
CA THR B 162 3.25 -26.10 0.23
C THR B 162 4.31 -25.32 -0.54
N GLY B 163 4.07 -24.02 -0.72
CA GLY B 163 4.98 -23.18 -1.46
C GLY B 163 6.17 -22.66 -0.67
N ILE B 164 5.88 -21.80 0.30
CA ILE B 164 6.92 -21.23 1.15
C ILE B 164 6.49 -21.38 2.60
N GLU B 165 7.34 -21.99 3.42
CA GLU B 165 7.00 -22.17 4.82
C GLU B 165 8.15 -21.78 5.72
N VAL B 166 7.87 -20.84 6.62
CA VAL B 166 8.85 -20.36 7.58
C VAL B 166 8.53 -20.97 8.93
N ALA B 167 9.28 -22.00 9.31
CA ALA B 167 9.05 -22.71 10.56
C ALA B 167 9.76 -22.17 11.82
N SER B 168 10.79 -21.35 11.65
CA SER B 168 11.49 -20.82 12.83
C SER B 168 11.16 -19.35 13.02
N ASP B 169 11.30 -18.86 14.25
CA ASP B 169 11.01 -17.44 14.49
C ASP B 169 11.87 -16.64 13.55
N ASN B 170 11.23 -15.65 12.93
CA ASN B 170 11.89 -14.84 11.93
C ASN B 170 11.72 -13.35 12.17
N ASP B 171 12.71 -12.58 11.72
CA ASP B 171 12.60 -11.14 11.87
C ASP B 171 12.82 -10.41 10.56
N SER B 172 11.95 -9.45 10.32
CA SER B 172 11.96 -8.61 9.14
C SER B 172 11.92 -9.35 7.81
N PHE B 173 11.06 -10.36 7.69
CA PHE B 173 10.96 -11.07 6.42
C PHE B 173 10.13 -10.24 5.47
N HIS B 174 10.37 -10.43 4.17
CA HIS B 174 9.66 -9.67 3.14
C HIS B 174 9.22 -10.63 2.03
N ILE B 175 7.93 -10.66 1.77
CA ILE B 175 7.34 -11.52 0.74
C ILE B 175 6.56 -10.64 -0.23
N THR B 176 7.14 -10.26 -1.36
CA THR B 176 6.40 -9.41 -2.28
C THR B 176 6.49 -9.78 -3.77
N GLY B 177 5.47 -9.32 -4.52
CA GLY B 177 5.38 -9.55 -5.94
C GLY B 177 5.25 -10.99 -6.39
N MSE B 178 4.89 -11.87 -5.45
CA MSE B 178 4.77 -13.28 -5.75
C MSE B 178 3.50 -13.77 -6.44
O MSE B 178 2.50 -13.07 -6.52
CB MSE B 178 4.97 -14.09 -4.46
CG MSE B 178 6.32 -13.87 -3.80
SE MSE B 178 7.68 -14.94 -4.55
CE MSE B 178 6.92 -16.57 -4.08
N GLY B 179 3.58 -15.00 -6.94
CA GLY B 179 2.47 -15.62 -7.62
C GLY B 179 2.36 -17.02 -7.07
N PHE B 180 1.28 -17.31 -6.36
CA PHE B 180 1.06 -18.62 -5.78
C PHE B 180 -0.19 -19.18 -6.45
N VAL B 181 -0.11 -20.42 -6.92
CA VAL B 181 -1.27 -21.00 -7.56
C VAL B 181 -1.32 -22.52 -7.45
N TYR B 182 -2.53 -23.02 -7.18
CA TYR B 182 -2.81 -24.45 -7.04
C TYR B 182 -1.96 -25.20 -6.00
N LEU B 183 -1.76 -24.58 -4.84
CA LEU B 183 -0.99 -25.17 -3.74
C LEU B 183 -1.92 -25.38 -2.55
N GLU B 184 -1.82 -26.53 -1.87
CA GLU B 184 -2.70 -26.72 -0.73
C GLU B 184 -2.44 -25.64 0.30
N HIS B 185 -1.18 -25.25 0.44
CA HIS B 185 -0.79 -24.20 1.37
C HIS B 185 0.17 -23.33 0.58
N ALA B 186 -0.18 -22.07 0.35
CA ALA B 186 0.69 -21.20 -0.42
C ALA B 186 1.85 -20.73 0.45
N LEU B 187 1.50 -19.91 1.45
CA LEU B 187 2.49 -19.34 2.35
C LEU B 187 2.18 -19.56 3.83
N ILE B 188 3.17 -20.04 4.58
CA ILE B 188 3.03 -20.27 6.01
C ILE B 188 4.20 -19.60 6.73
N VAL B 189 3.91 -18.80 7.75
CA VAL B 189 4.95 -18.13 8.51
C VAL B 189 4.65 -18.08 10.01
N ARG B 190 5.36 -18.93 10.74
CA ARG B 190 5.24 -19.08 12.18
C ARG B 190 6.18 -18.13 12.91
N GLY B 191 5.72 -17.56 14.02
CA GLY B 191 6.55 -16.64 14.77
C GLY B 191 7.10 -15.47 13.97
N ALA B 192 6.21 -14.84 13.18
CA ALA B 192 6.59 -13.72 12.35
C ALA B 192 6.71 -12.45 13.20
N ASP B 193 7.72 -11.65 12.90
CA ASP B 193 8.00 -10.42 13.62
C ASP B 193 8.45 -9.39 12.58
N ALA B 194 7.67 -8.31 12.46
CA ALA B 194 7.94 -7.25 11.49
C ALA B 194 7.92 -7.81 10.09
N LEU B 195 7.08 -8.82 9.89
CA LEU B 195 6.93 -9.47 8.60
C LEU B 195 6.15 -8.61 7.64
N ARG B 196 6.45 -8.76 6.36
CA ARG B 196 5.73 -8.03 5.36
C ARG B 196 5.36 -8.92 4.21
N VAL B 197 4.05 -8.96 3.97
CA VAL B 197 3.46 -9.74 2.92
C VAL B 197 2.63 -8.69 2.18
N ASN B 198 3.15 -8.20 1.06
CA ASN B 198 2.47 -7.16 0.29
C ASN B 198 2.67 -7.28 -1.22
N ASP B 199 1.69 -6.80 -1.98
CA ASP B 199 1.73 -6.82 -3.43
C ASP B 199 1.88 -8.22 -4.04
N ASN B 200 1.13 -9.19 -3.51
CA ASN B 200 1.18 -10.57 -4.03
C ASN B 200 -0.15 -11.05 -4.58
N MSE B 201 -0.08 -12.12 -5.37
CA MSE B 201 -1.24 -12.76 -5.95
C MSE B 201 -1.25 -14.21 -5.47
O MSE B 201 -0.50 -15.04 -5.99
CB MSE B 201 -1.18 -12.73 -7.48
CG MSE B 201 -2.19 -13.61 -8.18
SE MSE B 201 -4.00 -13.13 -7.84
CE MSE B 201 -4.07 -11.51 -8.91
N ILE B 202 -2.10 -14.48 -4.48
CA ILE B 202 -2.20 -15.80 -3.88
C ILE B 202 -3.62 -16.31 -4.10
N ALA B 203 -3.81 -17.16 -5.10
CA ALA B 203 -5.16 -17.66 -5.34
C ALA B 203 -5.22 -19.05 -5.91
N GLU B 204 -6.41 -19.64 -5.80
CA GLU B 204 -6.63 -20.98 -6.30
C GLU B 204 -5.70 -21.90 -5.52
N CYS B 205 -5.61 -21.61 -4.22
CA CYS B 205 -4.80 -22.36 -3.26
C CYS B 205 -5.74 -22.81 -2.16
N GLY B 206 -5.44 -23.95 -1.53
CA GLY B 206 -6.30 -24.43 -0.47
C GLY B 206 -6.29 -23.40 0.64
N ASN B 207 -5.09 -22.92 0.96
CA ASN B 207 -4.88 -21.91 1.98
C ASN B 207 -3.92 -20.88 1.36
N CYS B 208 -4.10 -19.61 1.69
CA CYS B 208 -3.23 -18.57 1.15
C CYS B 208 -2.12 -18.10 2.10
N VAL B 209 -2.48 -17.42 3.18
CA VAL B 209 -1.47 -16.96 4.13
C VAL B 209 -1.79 -17.39 5.56
N GLU B 210 -0.89 -18.18 6.14
CA GLU B 210 -1.06 -18.70 7.50
C GLU B 210 0.02 -18.23 8.47
N LEU B 211 -0.33 -17.26 9.31
CA LEU B 211 0.60 -16.73 10.31
C LEU B 211 0.30 -17.45 11.62
N THR B 212 0.98 -18.57 11.79
CA THR B 212 0.81 -19.43 12.95
C THR B 212 1.74 -19.14 14.13
N GLY B 213 1.52 -19.88 15.22
CA GLY B 213 2.34 -19.72 16.40
C GLY B 213 2.02 -18.44 17.15
N ALA B 214 2.57 -17.33 16.66
CA ALA B 214 2.36 -16.03 17.28
C ALA B 214 3.03 -15.00 16.40
N GLY B 215 2.78 -13.72 16.65
CA GLY B 215 3.39 -12.71 15.83
C GLY B 215 3.41 -11.30 16.41
N GLN B 216 4.27 -10.47 15.84
CA GLN B 216 4.41 -9.09 16.26
C GLN B 216 4.53 -8.14 15.07
N ALA B 217 3.95 -6.95 15.22
CA ALA B 217 3.96 -5.90 14.21
C ALA B 217 4.20 -6.38 12.79
N THR B 218 3.23 -7.12 12.26
CA THR B 218 3.31 -7.65 10.92
C THR B 218 2.35 -6.85 10.04
N ILE B 219 2.64 -6.81 8.75
CA ILE B 219 1.80 -6.09 7.79
C ILE B 219 1.45 -6.99 6.63
N VAL B 220 0.15 -7.01 6.31
CA VAL B 220 -0.35 -7.79 5.19
C VAL B 220 -1.24 -6.83 4.41
N SER B 221 -0.70 -6.27 3.34
CA SER B 221 -1.44 -5.32 2.53
C SER B 221 -1.19 -5.42 1.03
N GLY B 222 -2.05 -4.75 0.27
CA GLY B 222 -1.93 -4.75 -1.18
C GLY B 222 -1.97 -6.10 -1.88
N ASN B 223 -2.46 -7.13 -1.21
CA ASN B 223 -2.52 -8.47 -1.79
C ASN B 223 -3.87 -8.86 -2.38
N HIS B 224 -3.82 -9.82 -3.32
CA HIS B 224 -4.99 -10.38 -4.02
C HIS B 224 -5.12 -11.82 -3.50
N MSE B 225 -6.17 -12.15 -2.74
CA MSE B 225 -6.28 -13.54 -2.22
C MSE B 225 -7.59 -14.27 -2.51
O MSE B 225 -8.69 -13.72 -2.41
CB MSE B 225 -6.08 -13.60 -0.71
CG MSE B 225 -4.80 -14.30 -0.25
SE MSE B 225 -4.25 -13.50 1.41
CE MSE B 225 -5.96 -13.41 2.29
N GLY B 226 -7.45 -15.57 -2.80
CA GLY B 226 -8.57 -16.46 -3.06
C GLY B 226 -8.13 -17.85 -2.61
N ALA B 227 -8.81 -18.39 -1.60
CA ALA B 227 -8.45 -19.70 -1.06
C ALA B 227 -9.37 -20.86 -1.43
N GLY B 228 -9.49 -21.82 -0.51
CA GLY B 228 -10.34 -22.96 -0.74
C GLY B 228 -11.34 -23.20 0.39
N PRO B 229 -12.49 -23.82 0.08
CA PRO B 229 -13.58 -24.14 1.02
C PRO B 229 -13.09 -24.72 2.35
N ASP B 230 -12.05 -25.54 2.26
CA ASP B 230 -11.49 -26.19 3.45
C ASP B 230 -10.22 -25.49 3.92
N GLY B 231 -10.03 -24.26 3.48
CA GLY B 231 -8.84 -23.54 3.88
C GLY B 231 -9.11 -22.11 4.29
N VAL B 232 -8.05 -21.44 4.72
CA VAL B 232 -8.16 -20.07 5.13
C VAL B 232 -7.50 -19.20 4.08
N THR B 233 -7.93 -17.95 4.00
CA THR B 233 -7.35 -17.04 3.04
C THR B 233 -6.23 -16.38 3.86
N LEU B 234 -6.61 -15.63 4.89
CA LEU B 234 -5.63 -15.01 5.77
C LEU B 234 -5.94 -15.48 7.18
N LEU B 235 -4.96 -16.10 7.81
CA LEU B 235 -5.12 -16.63 9.15
C LEU B 235 -4.01 -16.10 10.07
N ALA B 236 -4.38 -15.68 11.27
CA ALA B 236 -3.41 -15.15 12.21
C ALA B 236 -3.58 -15.76 13.60
N GLU B 237 -2.50 -16.29 14.16
CA GLU B 237 -2.56 -16.92 15.47
C GLU B 237 -1.75 -16.18 16.53
N ASN B 238 -2.47 -15.69 17.54
CA ASN B 238 -1.86 -14.98 18.65
C ASN B 238 -0.92 -13.88 18.17
N HIS B 239 -1.46 -13.03 17.30
CA HIS B 239 -0.71 -11.91 16.75
C HIS B 239 -1.09 -10.65 17.50
N GLU B 240 -0.14 -9.73 17.52
CA GLU B 240 -0.30 -8.47 18.20
C GLU B 240 0.28 -7.44 17.24
N GLY B 241 -0.45 -6.34 17.02
CA GLY B 241 0.03 -5.32 16.11
C GLY B 241 -0.10 -5.64 14.63
N LEU B 242 -0.95 -6.61 14.29
CA LEU B 242 -1.13 -6.97 12.89
C LEU B 242 -1.96 -5.93 12.16
N LEU B 243 -1.47 -5.49 11.01
CA LEU B 243 -2.17 -4.51 10.20
C LEU B 243 -2.53 -5.24 8.92
N VAL B 244 -3.80 -5.23 8.57
CA VAL B 244 -4.25 -5.86 7.35
C VAL B 244 -5.03 -4.75 6.67
N THR B 245 -4.49 -4.31 5.54
CA THR B 245 -5.07 -3.18 4.84
C THR B 245 -4.88 -3.22 3.31
N GLY B 246 -5.82 -2.63 2.59
CA GLY B 246 -5.76 -2.57 1.14
C GLY B 246 -5.63 -3.90 0.40
N ASN B 247 -6.22 -4.95 0.95
CA ASN B 247 -6.17 -6.25 0.31
C ASN B 247 -7.51 -6.48 -0.39
N ASN B 248 -7.47 -7.22 -1.48
CA ASN B 248 -8.69 -7.54 -2.21
C ASN B 248 -8.84 -9.05 -2.08
N LEU B 249 -9.58 -9.46 -1.06
CA LEU B 249 -9.81 -10.87 -0.78
C LEU B 249 -11.11 -11.32 -1.40
N PHE B 250 -11.00 -12.25 -2.33
CA PHE B 250 -12.16 -12.76 -3.04
C PHE B 250 -12.42 -14.23 -2.77
N PRO B 251 -13.54 -14.74 -3.30
CA PRO B 251 -13.94 -16.13 -3.13
C PRO B 251 -13.10 -17.37 -2.95
N ARG B 252 -12.62 -18.76 -2.38
CA ARG B 252 -13.73 -19.50 -1.57
C ARG B 252 -12.98 -20.17 -0.49
N GLY B 253 -12.24 -19.28 0.29
CA GLY B 253 -11.85 -19.77 1.62
C GLY B 253 -13.04 -20.09 2.49
N ARG B 254 -12.81 -20.80 3.60
CA ARG B 254 -13.89 -21.12 4.52
C ARG B 254 -14.15 -19.78 5.20
N SER B 255 -13.10 -18.96 5.20
CA SER B 255 -13.13 -17.61 5.77
C SER B 255 -12.17 -16.78 4.92
N LEU B 256 -12.25 -15.46 5.04
CA LEU B 256 -11.36 -14.60 4.27
C LEU B 256 -10.33 -14.00 5.23
N ILE B 257 -10.76 -13.74 6.47
CA ILE B 257 -9.87 -13.22 7.49
C ILE B 257 -10.23 -13.94 8.76
N GLU B 258 -9.25 -14.63 9.32
CA GLU B 258 -9.49 -15.42 10.51
C GLU B 258 -8.39 -15.28 11.55
N PHE B 259 -8.74 -14.62 12.65
CA PHE B 259 -7.81 -14.40 13.75
C PHE B 259 -8.17 -15.31 14.93
N THR B 260 -7.21 -16.00 15.51
CA THR B 260 -7.53 -16.73 16.71
C THR B 260 -6.64 -16.17 17.80
N GLY B 261 -7.28 -15.61 18.81
CA GLY B 261 -6.59 -15.03 19.93
C GLY B 261 -5.60 -13.91 19.61
N CYS B 262 -5.89 -13.11 18.60
CA CYS B 262 -4.99 -12.00 18.28
C CYS B 262 -5.49 -10.80 19.07
N ASN B 263 -4.58 -9.90 19.44
CA ASN B 263 -4.98 -8.74 20.21
C ASN B 263 -4.45 -7.45 19.59
N ARG B 264 -5.21 -6.38 19.72
CA ARG B 264 -4.83 -5.08 19.18
C ARG B 264 -4.40 -5.09 17.72
N CYS B 265 -5.11 -5.82 16.87
CA CYS B 265 -4.75 -5.84 15.46
C CYS B 265 -5.72 -4.94 14.73
N SER B 266 -5.50 -4.72 13.44
CA SER B 266 -6.38 -3.85 12.68
C SER B 266 -6.65 -4.34 11.27
N VAL B 267 -7.92 -4.42 10.91
CA VAL B 267 -8.34 -4.85 9.58
C VAL B 267 -9.13 -3.68 9.01
N THR B 268 -8.44 -2.90 8.17
CA THR B 268 -9.03 -1.70 7.59
C THR B 268 -8.78 -1.50 6.10
N SER B 269 -9.71 -0.82 5.44
CA SER B 269 -9.58 -0.51 4.01
C SER B 269 -9.36 -1.74 3.14
N ASN B 270 -10.21 -2.74 3.31
CA ASN B 270 -10.10 -3.96 2.52
C ASN B 270 -11.37 -4.25 1.76
N ARG B 271 -11.25 -5.10 0.75
CA ARG B 271 -12.38 -5.53 -0.08
C ARG B 271 -12.55 -7.01 0.19
N LEU B 272 -13.68 -7.39 0.77
CA LEU B 272 -13.95 -8.79 1.06
C LEU B 272 -15.16 -9.31 0.30
N GLN B 273 -14.98 -10.45 -0.36
CA GLN B 273 -16.06 -11.09 -1.11
C GLN B 273 -16.05 -12.59 -0.82
N GLY B 274 -17.11 -13.08 -0.20
CA GLY B 274 -17.18 -14.50 0.10
C GLY B 274 -18.50 -15.12 -0.35
N PHE B 275 -18.54 -16.45 -0.41
CA PHE B 275 -19.74 -17.17 -0.80
C PHE B 275 -20.29 -17.94 0.39
N TYR B 276 -19.69 -17.76 1.56
CA TYR B 276 -20.14 -18.48 2.73
C TYR B 276 -20.12 -17.69 4.02
N PRO B 277 -20.77 -18.24 5.05
CA PRO B 277 -20.87 -17.71 6.40
C PRO B 277 -19.48 -17.53 7.00
N GLY B 278 -19.33 -16.57 7.90
CA GLY B 278 -18.07 -16.32 8.56
C GLY B 278 -16.89 -15.94 7.68
N MSE B 279 -17.03 -14.88 6.88
CA MSE B 279 -15.95 -14.44 6.01
C MSE B 279 -14.88 -13.75 6.85
O MSE B 279 -13.69 -13.77 6.52
CB MSE B 279 -16.48 -13.46 4.96
CG MSE B 279 -17.10 -14.09 3.75
SE MSE B 279 -18.44 -12.97 2.95
CE MSE B 279 -17.40 -11.40 2.64
N LEU B 280 -15.31 -13.14 7.96
CA LEU B 280 -14.43 -12.41 8.87
C LEU B 280 -14.64 -13.02 10.25
N ARG B 281 -13.62 -13.68 10.78
CA ARG B 281 -13.74 -14.33 12.09
C ARG B 281 -12.73 -13.93 13.17
N LEU B 282 -13.27 -13.58 14.33
CA LEU B 282 -12.47 -13.23 15.50
C LEU B 282 -12.84 -14.28 16.54
N LEU B 283 -11.99 -15.29 16.62
CA LEU B 283 -12.17 -16.43 17.50
C LEU B 283 -11.23 -16.57 18.68
N ASN B 284 -11.65 -17.41 19.62
CA ASN B 284 -10.88 -17.72 20.81
C ASN B 284 -10.32 -16.48 21.50
N GLY B 285 -11.23 -15.61 21.89
CA GLY B 285 -10.89 -14.40 22.61
C GLY B 285 -9.93 -13.39 21.97
N CYS B 286 -10.38 -12.74 20.91
CA CYS B 286 -9.54 -11.71 20.28
C CYS B 286 -9.92 -10.44 21.01
N LYS B 287 -8.93 -9.70 21.50
CA LYS B 287 -9.22 -8.48 22.25
C LYS B 287 -8.71 -7.20 21.61
N GLU B 288 -9.49 -6.15 21.77
CA GLU B 288 -9.14 -4.81 21.30
C GLU B 288 -8.71 -4.62 19.84
N ASN B 289 -9.44 -5.24 18.92
CA ASN B 289 -9.11 -5.13 17.50
C ASN B 289 -10.03 -4.17 16.75
N LEU B 290 -9.47 -3.55 15.72
CA LEU B 290 -10.20 -2.60 14.90
C LEU B 290 -10.53 -3.19 13.52
N ILE B 291 -11.82 -3.25 13.22
CA ILE B 291 -12.30 -3.76 11.94
C ILE B 291 -13.13 -2.61 11.41
N THR B 292 -12.55 -1.82 10.51
CA THR B 292 -13.25 -0.67 10.01
C THR B 292 -12.95 -0.34 8.56
N ALA B 293 -13.84 0.44 7.94
CA ALA B 293 -13.69 0.86 6.55
C ALA B 293 -13.46 -0.29 5.58
N ASN B 294 -14.17 -1.40 5.77
CA ASN B 294 -14.04 -2.56 4.89
C ASN B 294 -15.34 -2.80 4.13
N HIS B 295 -15.22 -3.29 2.91
CA HIS B 295 -16.41 -3.62 2.14
C HIS B 295 -16.59 -5.11 2.28
N ILE B 296 -17.72 -5.50 2.84
CA ILE B 296 -18.01 -6.89 3.10
C ILE B 296 -19.21 -7.38 2.30
N ARG B 297 -18.95 -8.19 1.28
CA ARG B 297 -19.97 -8.72 0.41
C ARG B 297 -20.10 -10.22 0.46
N ARG B 298 -21.27 -10.66 0.86
CA ARG B 298 -21.59 -12.07 0.94
C ARG B 298 -22.62 -12.37 -0.13
N THR B 299 -22.39 -13.43 -0.90
CA THR B 299 -23.34 -13.79 -1.94
C THR B 299 -23.20 -15.28 -2.20
N ASN B 300 -23.89 -15.78 -3.21
CA ASN B 300 -23.84 -17.21 -3.51
C ASN B 300 -22.79 -17.52 -4.58
N GLU B 301 -22.14 -18.67 -4.42
CA GLU B 301 -21.12 -19.14 -5.36
C GLU B 301 -21.61 -18.94 -6.79
N GLY B 302 -20.82 -18.24 -7.60
CA GLY B 302 -21.24 -17.96 -8.97
C GLY B 302 -20.64 -18.82 -10.07
N TYR B 303 -19.58 -19.57 -9.78
CA TYR B 303 -18.96 -20.41 -10.80
C TYR B 303 -19.44 -21.85 -10.62
N PRO B 304 -20.30 -22.33 -11.53
CA PRO B 304 -20.90 -23.67 -11.58
C PRO B 304 -20.12 -24.87 -11.02
N PRO B 305 -18.87 -25.08 -11.46
CA PRO B 305 -18.08 -26.20 -10.96
C PRO B 305 -18.12 -26.34 -9.44
N PHE B 306 -18.24 -25.20 -8.78
CA PHE B 306 -18.25 -25.13 -7.32
C PHE B 306 -19.60 -24.88 -6.70
N ILE B 307 -20.65 -24.89 -7.50
CA ILE B 307 -21.94 -24.65 -6.91
C ILE B 307 -22.29 -25.82 -6.01
N GLY B 308 -22.89 -25.51 -4.88
CA GLY B 308 -23.28 -26.55 -3.94
C GLY B 308 -22.26 -26.81 -2.86
N ARG B 309 -21.06 -26.26 -2.97
CA ARG B 309 -20.04 -26.48 -1.95
C ARG B 309 -20.26 -25.53 -0.77
N GLY B 310 -19.72 -25.89 0.39
CA GLY B 310 -19.92 -25.05 1.57
C GLY B 310 -18.79 -25.12 2.59
N ASN B 311 -18.95 -24.39 3.69
CA ASN B 311 -17.94 -24.38 4.73
C ASN B 311 -18.55 -24.95 6.02
N GLY B 312 -19.73 -25.55 5.90
CA GLY B 312 -20.39 -26.15 7.04
C GLY B 312 -21.01 -25.19 8.03
N LEU B 313 -20.97 -23.90 7.73
CA LEU B 313 -21.55 -22.92 8.63
C LEU B 313 -22.89 -22.43 8.11
N ASP B 314 -23.79 -22.09 9.02
CA ASP B 314 -25.09 -21.58 8.60
C ASP B 314 -25.09 -20.07 8.68
N ASP B 315 -26.15 -19.46 8.18
CA ASP B 315 -26.26 -17.99 8.15
C ASP B 315 -26.49 -17.31 9.48
N LEU B 316 -26.49 -18.08 10.57
CA LEU B 316 -26.67 -17.48 11.87
C LEU B 316 -25.27 -17.30 12.50
N TYR B 317 -24.25 -17.83 11.82
CA TYR B 317 -22.86 -17.70 12.28
C TYR B 317 -22.50 -16.24 12.12
N GLY B 318 -23.05 -15.62 11.08
CA GLY B 318 -22.78 -14.22 10.81
C GLY B 318 -21.69 -14.03 9.77
N VAL B 319 -21.79 -12.99 8.97
CA VAL B 319 -20.77 -12.71 7.95
C VAL B 319 -19.52 -12.35 8.72
N VAL B 320 -19.72 -11.60 9.81
CA VAL B 320 -18.63 -11.19 10.68
C VAL B 320 -18.92 -11.79 12.04
N HIS B 321 -18.00 -12.62 12.50
CA HIS B 321 -18.13 -13.34 13.75
C HIS B 321 -17.09 -12.88 14.77
N ILE B 322 -17.57 -12.33 15.89
CA ILE B 322 -16.68 -11.82 16.94
C ILE B 322 -16.83 -12.52 18.29
N ALA B 323 -15.71 -12.99 18.81
CA ALA B 323 -15.65 -13.66 20.10
C ALA B 323 -14.42 -13.06 20.77
N GLY B 324 -14.66 -12.11 21.67
CA GLY B 324 -13.56 -11.45 22.35
C GLY B 324 -14.07 -10.18 22.98
N ASP B 325 -13.16 -9.34 23.48
CA ASP B 325 -13.59 -8.10 24.12
C ASP B 325 -13.05 -6.85 23.45
N ASN B 326 -13.74 -5.75 23.72
CA ASN B 326 -13.38 -4.42 23.25
C ASN B 326 -13.00 -4.22 21.79
N ASN B 327 -13.59 -5.00 20.90
CA ASN B 327 -13.33 -4.87 19.48
C ASN B 327 -14.25 -3.81 18.89
N LEU B 328 -13.76 -3.05 17.91
CA LEU B 328 -14.57 -2.00 17.28
C LEU B 328 -14.84 -2.30 15.81
N ILE B 329 -16.06 -2.75 15.53
CA ILE B 329 -16.47 -3.06 14.17
C ILE B 329 -17.29 -1.86 13.69
N SER B 330 -16.68 -1.00 12.89
CA SER B 330 -17.38 0.18 12.42
C SER B 330 -17.05 0.61 11.00
N ASP B 331 -17.83 1.57 10.52
CA ASP B 331 -17.65 2.12 9.18
C ASP B 331 -17.42 1.05 8.12
N ASN B 332 -18.23 0.00 8.16
CA ASN B 332 -18.15 -1.11 7.19
C ASN B 332 -19.42 -1.15 6.35
N LEU B 333 -19.30 -1.58 5.09
CA LEU B 333 -20.48 -1.67 4.23
C LEU B 333 -20.75 -3.14 3.92
N PHE B 334 -21.91 -3.63 4.36
CA PHE B 334 -22.29 -5.02 4.12
C PHE B 334 -23.28 -5.16 2.96
N ALA B 335 -22.87 -5.89 1.92
CA ALA B 335 -23.72 -6.13 0.75
C ALA B 335 -24.01 -7.62 0.73
N TYR B 336 -25.23 -7.97 1.09
CA TYR B 336 -25.62 -9.38 1.15
C TYR B 336 -26.72 -9.75 0.15
N ASN B 337 -26.37 -10.64 -0.76
CA ASN B 337 -27.29 -11.10 -1.80
C ASN B 337 -27.24 -12.62 -1.87
N VAL B 338 -28.19 -13.26 -1.19
CA VAL B 338 -28.23 -14.71 -1.15
C VAL B 338 -29.67 -15.22 -1.29
N PRO B 339 -29.88 -16.18 -2.20
CA PRO B 339 -31.18 -16.80 -2.47
C PRO B 339 -31.87 -17.26 -1.19
N PRO B 340 -33.14 -16.86 -0.99
CA PRO B 340 -33.85 -17.29 0.22
C PRO B 340 -33.63 -18.76 0.48
N ALA B 341 -33.60 -19.54 -0.60
CA ALA B 341 -33.43 -20.98 -0.54
C ALA B 341 -32.03 -21.47 -0.20
N ASN B 342 -31.04 -20.59 -0.24
CA ASN B 342 -29.71 -21.05 0.09
C ASN B 342 -29.42 -20.69 1.52
N ILE B 343 -30.32 -19.90 2.10
CA ILE B 343 -30.16 -19.45 3.46
C ILE B 343 -30.43 -20.53 4.50
N ALA B 344 -29.40 -20.74 5.33
CA ALA B 344 -29.39 -21.73 6.38
C ALA B 344 -29.57 -21.08 7.76
N PRO B 345 -30.57 -21.49 8.54
CA PRO B 345 -31.67 -22.46 8.47
C PRO B 345 -32.91 -21.90 7.76
N ALA B 346 -33.73 -22.80 7.22
CA ALA B 346 -34.91 -22.40 6.50
C ALA B 346 -35.72 -21.47 7.40
N GLY B 347 -36.13 -20.35 6.83
CA GLY B 347 -36.93 -19.39 7.57
C GLY B 347 -36.05 -18.40 8.31
N ALA B 348 -34.77 -18.68 8.45
CA ALA B 348 -33.95 -17.75 9.21
C ALA B 348 -33.45 -16.50 8.52
N GLN B 349 -33.32 -15.47 9.34
CA GLN B 349 -32.83 -14.17 8.91
C GLN B 349 -31.32 -14.19 9.03
N PRO B 350 -30.63 -13.87 7.94
CA PRO B 350 -29.16 -13.84 7.91
C PRO B 350 -28.63 -12.81 8.91
N THR B 351 -27.51 -13.14 9.56
CA THR B 351 -26.90 -12.24 10.52
C THR B 351 -25.66 -11.63 9.91
N GLN B 352 -25.63 -10.30 9.81
CA GLN B 352 -24.47 -9.64 9.26
C GLN B 352 -23.35 -9.64 10.28
N ILE B 353 -23.65 -9.16 11.48
CA ILE B 353 -22.64 -9.13 12.54
C ILE B 353 -23.10 -9.85 13.80
N LEU B 354 -22.35 -10.88 14.18
CA LEU B 354 -22.65 -11.65 15.38
C LEU B 354 -21.56 -11.50 16.41
N ILE B 355 -21.98 -11.04 17.58
CA ILE B 355 -21.07 -10.85 18.71
C ILE B 355 -21.35 -12.09 19.58
N ALA B 356 -20.62 -13.16 19.27
CA ALA B 356 -20.73 -14.47 19.91
C ALA B 356 -20.56 -14.49 21.42
N GLY B 357 -19.64 -13.66 21.90
CA GLY B 357 -19.40 -13.60 23.32
C GLY B 357 -18.39 -12.51 23.52
N GLY B 358 -18.22 -12.08 24.75
CA GLY B 358 -17.26 -11.03 24.97
C GLY B 358 -17.86 -9.83 25.65
N ASP B 359 -16.95 -8.97 26.07
CA ASP B 359 -17.29 -7.78 26.79
C ASP B 359 -16.89 -6.49 26.10
N ALA B 360 -17.77 -5.50 26.19
CA ALA B 360 -17.51 -4.18 25.64
C ALA B 360 -17.35 -4.01 24.13
N ASN B 361 -17.78 -4.98 23.33
CA ASN B 361 -17.62 -4.78 21.91
C ASN B 361 -18.50 -3.63 21.45
N VAL B 362 -17.97 -2.86 20.50
CA VAL B 362 -18.67 -1.70 19.97
C VAL B 362 -18.91 -1.83 18.48
N VAL B 363 -20.18 -1.69 18.08
CA VAL B 363 -20.55 -1.78 16.69
C VAL B 363 -21.26 -0.50 16.26
N ALA B 364 -20.57 0.32 15.48
CA ALA B 364 -21.13 1.59 15.02
C ALA B 364 -20.94 1.88 13.54
N LEU B 365 -21.89 2.62 12.98
CA LEU B 365 -21.91 3.01 11.57
C LEU B 365 -21.53 1.91 10.60
N ASN B 366 -22.43 0.95 10.46
CA ASN B 366 -22.27 -0.18 9.55
C ASN B 366 -23.53 -0.25 8.70
N HIS B 367 -23.37 0.00 7.40
CA HIS B 367 -24.50 -0.01 6.49
C HIS B 367 -24.73 -1.40 5.90
N VAL B 368 -25.95 -1.90 6.07
CA VAL B 368 -26.30 -3.21 5.56
C VAL B 368 -27.28 -3.11 4.39
N VAL B 369 -27.04 -3.92 3.37
CA VAL B 369 -27.89 -3.95 2.21
C VAL B 369 -28.11 -5.42 1.95
N SER B 370 -29.35 -5.85 1.89
CA SER B 370 -29.60 -7.25 1.65
C SER B 370 -30.93 -7.46 0.98
N ASP B 371 -30.97 -8.53 0.20
CA ASP B 371 -32.16 -8.91 -0.56
C ASP B 371 -33.25 -9.47 0.35
N VAL B 372 -32.88 -9.80 1.58
CA VAL B 372 -33.84 -10.37 2.51
C VAL B 372 -33.80 -9.70 3.86
N ALA B 373 -34.85 -9.92 4.64
CA ALA B 373 -34.91 -9.37 5.98
C ALA B 373 -33.68 -9.96 6.66
N SER B 374 -32.87 -9.12 7.29
CA SER B 374 -31.66 -9.59 7.93
C SER B 374 -31.41 -8.91 9.26
N GLN B 375 -30.78 -9.62 10.19
CA GLN B 375 -30.45 -9.02 11.47
C GLN B 375 -29.03 -8.49 11.30
N HIS B 376 -28.93 -7.17 11.20
CA HIS B 376 -27.65 -6.49 11.02
C HIS B 376 -26.67 -6.83 12.11
N VAL B 377 -27.17 -6.87 13.34
CA VAL B 377 -26.32 -7.17 14.47
C VAL B 377 -27.05 -8.06 15.46
N VAL B 378 -26.34 -9.07 15.93
CA VAL B 378 -26.90 -9.98 16.92
C VAL B 378 -25.87 -10.13 18.02
N LEU B 379 -26.32 -9.88 19.24
CA LEU B 379 -25.46 -10.00 20.40
C LEU B 379 -26.01 -11.18 21.17
N ASP B 380 -25.18 -12.21 21.28
CA ASP B 380 -25.55 -13.43 21.96
C ASP B 380 -25.69 -13.21 23.47
N ALA B 381 -26.48 -14.07 24.12
CA ALA B 381 -26.74 -13.96 25.56
C ALA B 381 -25.51 -13.98 26.46
N SER B 382 -24.35 -14.33 25.89
CA SER B 382 -23.12 -14.38 26.67
C SER B 382 -22.51 -12.99 26.76
N THR B 383 -22.73 -12.19 25.73
CA THR B 383 -22.18 -10.84 25.67
C THR B 383 -22.59 -9.92 26.80
N THR B 384 -21.68 -9.01 27.14
CA THR B 384 -21.92 -8.04 28.17
C THR B 384 -21.41 -6.68 27.74
N HIS B 385 -22.13 -5.65 28.20
CA HIS B 385 -21.79 -4.26 27.94
C HIS B 385 -21.48 -3.86 26.50
N SER B 386 -22.15 -4.50 25.54
CA SER B 386 -21.97 -4.20 24.11
C SER B 386 -22.63 -2.87 23.77
N LYS B 387 -22.27 -2.30 22.62
CA LYS B 387 -22.84 -1.01 22.18
C LYS B 387 -23.09 -1.05 20.68
N VAL B 388 -24.32 -0.79 20.26
CA VAL B 388 -24.63 -0.79 18.83
C VAL B 388 -25.20 0.57 18.44
N LEU B 389 -24.46 1.26 17.59
CA LEU B 389 -24.84 2.59 17.12
C LEU B 389 -24.93 2.67 15.61
N ASP B 390 -26.00 3.28 15.12
CA ASP B 390 -26.16 3.48 13.69
C ASP B 390 -25.78 2.28 12.82
N SER B 391 -26.31 1.11 13.17
CA SER B 391 -26.04 -0.10 12.42
C SER B 391 -27.35 -0.83 12.14
N GLY B 392 -28.45 -0.08 12.14
CA GLY B 392 -29.75 -0.68 11.86
C GLY B 392 -30.87 -0.17 12.76
N THR B 393 -32.11 -0.38 12.34
CA THR B 393 -33.25 0.05 13.14
C THR B 393 -33.36 -0.94 14.27
N ALA B 394 -34.22 -0.65 15.23
CA ALA B 394 -34.38 -1.54 16.37
C ALA B 394 -34.81 -2.94 15.97
N SER B 395 -35.54 -3.08 14.88
CA SER B 395 -35.98 -4.41 14.46
C SER B 395 -34.98 -5.13 13.56
N GLN B 396 -33.84 -4.50 13.31
CA GLN B 396 -32.81 -5.12 12.49
C GLN B 396 -31.67 -5.50 13.45
N ILE B 397 -31.93 -5.30 14.75
CA ILE B 397 -30.96 -5.60 15.80
C ILE B 397 -31.51 -6.54 16.89
N THR B 398 -30.81 -7.65 17.14
CA THR B 398 -31.23 -8.59 18.17
C THR B 398 -30.19 -8.64 19.29
N SER B 399 -30.58 -8.18 20.47
CA SER B 399 -29.71 -8.19 21.62
C SER B 399 -30.27 -9.18 22.64
N TYR B 400 -29.53 -10.25 22.91
CA TYR B 400 -29.96 -11.25 23.89
C TYR B 400 -29.37 -10.92 25.22
N SER B 401 -28.80 -9.74 25.31
CA SER B 401 -28.22 -9.31 26.56
C SER B 401 -29.10 -8.18 27.00
N SER B 402 -29.07 -7.86 28.28
CA SER B 402 -29.89 -6.77 28.75
C SER B 402 -29.08 -5.55 29.12
N ASP B 403 -27.76 -5.63 28.97
CA ASP B 403 -26.94 -4.47 29.26
C ASP B 403 -26.44 -3.86 27.96
N THR B 404 -27.04 -4.26 26.85
CA THR B 404 -26.63 -3.73 25.57
C THR B 404 -27.22 -2.35 25.36
N ALA B 405 -26.38 -1.42 24.93
CA ALA B 405 -26.82 -0.07 24.65
C ALA B 405 -26.95 0.01 23.14
N ILE B 406 -28.13 0.41 22.67
CA ILE B 406 -28.41 0.50 21.25
C ILE B 406 -28.97 1.85 20.84
N ARG B 407 -28.53 2.35 19.68
CA ARG B 407 -29.03 3.61 19.15
C ARG B 407 -29.45 3.38 17.71
N PRO B 408 -30.76 3.37 17.45
CA PRO B 408 -31.28 3.16 16.10
C PRO B 408 -30.74 4.06 15.01
N THR B 409 -30.59 3.52 13.81
CA THR B 409 -30.20 4.35 12.70
C THR B 409 -31.58 5.00 12.65
N PRO B 410 -31.67 6.33 12.70
CA PRO B 410 -32.99 6.96 12.67
C PRO B 410 -34.03 6.32 11.74
N PRO C 12 24.34 -0.43 -20.54
CA PRO C 12 24.41 1.05 -20.61
C PRO C 12 23.85 1.80 -19.41
N ASN C 13 24.62 2.77 -18.94
CA ASN C 13 24.26 3.59 -17.79
C ASN C 13 23.95 2.74 -16.57
N THR C 14 24.54 1.55 -16.52
CA THR C 14 24.34 0.64 -15.39
C THR C 14 25.72 0.28 -14.84
N TYR C 15 25.90 0.46 -13.54
CA TYR C 15 27.18 0.12 -12.91
C TYR C 15 26.91 -0.87 -11.77
N ASP C 16 27.91 -1.67 -11.45
CA ASP C 16 27.84 -2.64 -10.37
C ASP C 16 28.96 -2.09 -9.47
N VAL C 17 28.68 -1.75 -8.21
CA VAL C 17 29.76 -1.19 -7.40
C VAL C 17 31.00 -2.07 -7.27
N THR C 18 30.85 -3.40 -7.32
CA THR C 18 32.01 -4.28 -7.18
C THR C 18 32.98 -4.41 -8.37
N THR C 19 32.55 -4.07 -9.58
CA THR C 19 33.42 -4.19 -10.76
C THR C 19 34.10 -2.90 -11.18
N TRP C 20 33.62 -1.78 -10.65
CA TRP C 20 34.13 -0.49 -11.05
C TRP C 20 35.36 0.02 -10.30
N ARG C 21 36.49 0.10 -11.01
CA ARG C 21 37.72 0.56 -10.40
C ARG C 21 37.89 2.08 -10.50
N ILE C 22 38.45 2.65 -9.44
CA ILE C 22 38.70 4.08 -9.39
C ILE C 22 40.10 4.22 -9.99
N LYS C 23 40.14 4.73 -11.21
CA LYS C 23 41.35 4.89 -11.97
C LYS C 23 42.56 5.43 -11.21
N ALA C 24 42.39 6.51 -10.45
CA ALA C 24 43.51 7.08 -9.71
C ALA C 24 43.74 6.35 -8.39
N HIS C 25 42.73 5.61 -7.93
CA HIS C 25 42.87 4.86 -6.68
C HIS C 25 42.33 3.43 -6.76
N PRO C 26 43.07 2.54 -7.44
CA PRO C 26 42.80 1.12 -7.67
C PRO C 26 42.46 0.19 -6.49
N GLU C 27 43.06 0.35 -5.32
CA GLU C 27 42.68 -0.59 -4.26
C GLU C 27 41.57 -0.05 -3.34
N VAL C 28 41.00 1.10 -3.68
CA VAL C 28 39.89 1.67 -2.92
C VAL C 28 38.64 1.07 -3.56
N THR C 29 38.18 -0.03 -2.98
CA THR C 29 37.02 -0.79 -3.46
C THR C 29 35.72 -0.48 -2.72
N ALA C 30 34.63 -1.11 -3.17
CA ALA C 30 33.34 -0.91 -2.53
C ALA C 30 33.45 -1.41 -1.08
N GLN C 31 34.28 -2.42 -0.86
CA GLN C 31 34.44 -2.97 0.48
C GLN C 31 35.14 -2.01 1.44
N SER C 32 36.19 -1.34 0.97
CA SER C 32 36.94 -0.41 1.82
C SER C 32 36.28 0.97 1.90
N ASP C 33 35.72 1.46 0.79
CA ASP C 33 35.03 2.75 0.79
C ASP C 33 34.08 2.83 -0.39
N ILE C 34 32.89 2.26 -0.23
CA ILE C 34 31.89 2.29 -1.29
C ILE C 34 31.50 3.73 -1.57
N GLY C 35 31.73 4.60 -0.58
CA GLY C 35 31.40 6.00 -0.76
C GLY C 35 32.29 6.58 -1.84
N ALA C 36 33.58 6.26 -1.78
CA ALA C 36 34.54 6.73 -2.77
C ALA C 36 34.17 6.22 -4.15
N VAL C 37 33.82 4.94 -4.21
CA VAL C 37 33.43 4.28 -5.45
C VAL C 37 32.22 4.93 -6.11
N ILE C 38 31.16 5.13 -5.34
CA ILE C 38 29.96 5.74 -5.89
C ILE C 38 30.23 7.16 -6.36
N ASN C 39 31.06 7.90 -5.63
CA ASN C 39 31.35 9.25 -6.06
C ASN C 39 32.08 9.23 -7.42
N ASP C 40 32.97 8.26 -7.61
CA ASP C 40 33.67 8.18 -8.88
C ASP C 40 32.71 7.77 -9.97
N ILE C 41 31.71 6.95 -9.66
CA ILE C 41 30.75 6.54 -10.68
C ILE C 41 29.92 7.77 -11.07
N ILE C 42 29.44 8.51 -10.09
CA ILE C 42 28.64 9.70 -10.39
C ILE C 42 29.48 10.66 -11.22
N ALA C 43 30.78 10.69 -10.96
CA ALA C 43 31.67 11.57 -11.69
C ALA C 43 31.73 11.10 -13.15
N ASP C 44 31.64 9.79 -13.37
CA ASP C 44 31.68 9.27 -14.74
C ASP C 44 30.37 9.54 -15.46
N ILE C 45 29.28 9.58 -14.70
CA ILE C 45 27.97 9.83 -15.28
C ILE C 45 27.95 11.27 -15.79
N LYS C 46 28.40 12.20 -14.95
CA LYS C 46 28.46 13.61 -15.31
C LYS C 46 29.47 13.78 -16.44
N GLN C 47 30.49 12.92 -16.42
CA GLN C 47 31.53 12.92 -17.44
C GLN C 47 30.84 12.81 -18.77
N ARG C 48 30.05 11.75 -18.86
CA ARG C 48 29.34 11.36 -20.06
C ARG C 48 28.09 12.16 -20.42
N GLN C 49 27.22 12.47 -19.45
CA GLN C 49 26.01 13.21 -19.78
C GLN C 49 26.17 14.70 -19.46
N THR C 50 26.70 15.43 -20.44
CA THR C 50 26.93 16.87 -20.31
C THR C 50 25.78 17.75 -20.83
N SER C 51 24.88 17.16 -21.60
CA SER C 51 23.74 17.88 -22.18
C SER C 51 22.48 17.89 -21.31
N PRO C 52 21.99 19.07 -20.95
CA PRO C 52 20.77 19.13 -20.14
C PRO C 52 19.62 18.39 -20.84
N ASP C 53 19.75 18.18 -22.14
CA ASP C 53 18.72 17.51 -22.92
C ASP C 53 19.04 16.02 -23.05
N ALA C 54 20.23 15.65 -22.59
CA ALA C 54 20.67 14.26 -22.64
C ALA C 54 21.25 13.85 -21.28
N ARG C 55 20.39 13.87 -20.27
CA ARG C 55 20.83 13.45 -18.94
C ARG C 55 19.81 12.52 -18.27
N PRO C 56 19.68 11.30 -18.84
CA PRO C 56 18.84 10.15 -18.51
C PRO C 56 19.10 9.67 -17.09
N GLY C 57 20.35 9.77 -16.68
CA GLY C 57 20.73 9.34 -15.35
C GLY C 57 21.36 7.97 -15.48
N ALA C 58 21.32 7.20 -14.41
CA ALA C 58 21.91 5.88 -14.43
C ALA C 58 21.44 5.05 -13.26
N ALA C 59 21.91 3.82 -13.23
CA ALA C 59 21.57 2.90 -12.16
C ALA C 59 22.85 2.32 -11.59
N ILE C 60 22.98 2.42 -10.28
CA ILE C 60 24.12 1.87 -9.56
C ILE C 60 23.58 0.72 -8.73
N ILE C 61 24.07 -0.47 -9.03
CA ILE C 61 23.65 -1.70 -8.36
C ILE C 61 24.61 -2.07 -7.23
N ILE C 62 24.07 -2.45 -6.07
CA ILE C 62 24.93 -2.84 -4.97
C ILE C 62 24.72 -4.32 -4.61
N PRO C 63 25.60 -5.19 -5.11
CA PRO C 63 25.60 -6.65 -4.90
C PRO C 63 25.52 -7.08 -3.43
N PRO C 64 25.00 -8.29 -3.17
CA PRO C 64 24.92 -8.75 -1.78
C PRO C 64 26.32 -8.66 -1.16
N GLY C 65 26.44 -8.01 -0.02
CA GLY C 65 27.74 -7.89 0.60
C GLY C 65 27.92 -6.87 1.69
N ASP C 66 29.09 -6.95 2.34
CA ASP C 66 29.47 -6.05 3.41
C ASP C 66 30.35 -4.95 2.83
N TYR C 67 29.89 -3.70 2.91
CA TYR C 67 30.65 -2.57 2.38
C TYR C 67 30.79 -1.43 3.40
N ASP C 68 32.02 -0.93 3.54
CA ASP C 68 32.31 0.18 4.45
C ASP C 68 32.22 1.52 3.74
N LEU C 69 31.51 2.48 4.31
CA LEU C 69 31.42 3.79 3.69
C LEU C 69 32.09 4.82 4.61
N HIS C 70 33.25 5.32 4.16
CA HIS C 70 33.97 6.32 4.92
C HIS C 70 33.69 7.70 4.29
N THR C 71 33.62 7.75 2.95
CA THR C 71 33.38 9.00 2.21
C THR C 71 31.92 9.28 1.85
N GLN C 72 31.42 10.43 2.28
CA GLN C 72 30.05 10.86 2.01
C GLN C 72 29.75 10.99 0.52
N VAL C 73 28.64 10.40 0.09
CA VAL C 73 28.25 10.45 -1.31
C VAL C 73 27.34 11.62 -1.61
N VAL C 74 27.76 12.45 -2.55
CA VAL C 74 26.97 13.61 -2.93
C VAL C 74 26.27 13.27 -4.24
N VAL C 75 24.95 13.23 -4.17
CA VAL C 75 24.13 12.91 -5.33
C VAL C 75 23.56 14.17 -5.92
N ASP C 76 24.00 14.48 -7.14
CA ASP C 76 23.56 15.66 -7.83
C ASP C 76 23.10 15.41 -9.25
N VAL C 77 22.63 14.20 -9.53
CA VAL C 77 22.12 13.94 -10.84
C VAL C 77 20.71 13.42 -10.69
N SER C 78 19.85 13.94 -11.55
CA SER C 78 18.46 13.57 -11.55
C SER C 78 18.28 12.18 -12.12
N TYR C 79 17.26 11.50 -11.63
CA TYR C 79 16.93 10.16 -12.08
C TYR C 79 18.03 9.14 -11.77
N LEU C 80 18.73 9.32 -10.65
CA LEU C 80 19.79 8.38 -10.24
C LEU C 80 19.12 7.29 -9.41
N THR C 81 19.43 6.05 -9.75
CA THR C 81 18.87 4.91 -9.04
C THR C 81 19.99 4.10 -8.39
N ILE C 82 19.94 3.98 -7.06
CA ILE C 82 20.93 3.19 -6.37
C ILE C 82 20.10 2.07 -5.76
N ALA C 83 20.31 0.86 -6.26
CA ALA C 83 19.55 -0.29 -5.82
C ALA C 83 20.39 -1.48 -5.37
N GLY C 84 19.81 -2.29 -4.50
CA GLY C 84 20.46 -3.48 -4.00
C GLY C 84 19.53 -4.65 -4.16
N PHE C 85 19.79 -5.74 -3.44
CA PHE C 85 18.95 -6.92 -3.51
C PHE C 85 18.22 -7.22 -2.20
N GLY C 86 18.39 -6.37 -1.19
CA GLY C 86 17.71 -6.61 0.07
C GLY C 86 17.88 -5.52 1.12
N HIS C 87 16.93 -5.48 2.05
CA HIS C 87 16.94 -4.49 3.13
C HIS C 87 17.83 -4.97 4.28
N GLY C 88 18.08 -6.27 4.29
CA GLY C 88 18.92 -6.91 5.30
C GLY C 88 18.84 -6.42 6.72
N PHE C 89 17.64 -6.15 7.25
CA PHE C 89 17.59 -5.68 8.62
C PHE C 89 17.97 -6.76 9.61
N PHE C 90 18.56 -6.31 10.71
CA PHE C 90 19.02 -7.17 11.80
C PHE C 90 19.01 -6.28 13.04
N SER C 91 18.41 -6.80 14.11
CA SER C 91 18.26 -6.09 15.37
C SER C 91 19.56 -5.92 16.14
N ARG C 92 20.29 -4.83 15.90
CA ARG C 92 21.53 -4.60 16.61
C ARG C 92 21.23 -4.34 18.08
N SER C 93 20.05 -3.82 18.33
CA SER C 93 19.60 -3.50 19.69
C SER C 93 19.60 -4.77 20.54
N ILE C 94 19.00 -5.84 20.01
CA ILE C 94 18.95 -7.09 20.76
C ILE C 94 20.34 -7.70 20.89
N LEU C 95 21.18 -7.56 19.88
CA LEU C 95 22.54 -8.09 19.95
C LEU C 95 23.31 -7.40 21.09
N ASP C 96 23.21 -6.08 21.13
CA ASP C 96 23.89 -5.25 22.13
C ASP C 96 23.41 -5.45 23.56
N ASN C 97 22.26 -6.09 23.72
CA ASN C 97 21.72 -6.30 25.05
C ASN C 97 21.60 -7.79 25.37
N SER C 98 22.25 -8.60 24.53
CA SER C 98 22.25 -10.06 24.69
C SER C 98 23.68 -10.60 24.74
N ASN C 99 23.80 -11.91 24.97
CA ASN C 99 25.08 -12.60 25.03
C ASN C 99 25.33 -13.26 23.67
N PRO C 100 26.17 -12.64 22.83
CA PRO C 100 26.55 -13.10 21.49
C PRO C 100 27.19 -14.49 21.33
N THR C 101 27.54 -15.15 22.42
CA THR C 101 28.18 -16.47 22.31
C THR C 101 27.44 -17.50 21.44
N GLY C 102 28.13 -17.97 20.41
CA GLY C 102 27.55 -18.96 19.53
C GLY C 102 26.54 -18.40 18.54
N TRP C 103 26.41 -17.08 18.49
CA TRP C 103 25.48 -16.45 17.57
C TRP C 103 26.00 -16.61 16.13
N GLN C 104 25.10 -17.00 15.22
CA GLN C 104 25.44 -17.24 13.81
C GLN C 104 25.48 -15.98 12.94
N ASN C 105 24.99 -14.87 13.50
CA ASN C 105 24.98 -13.58 12.82
C ASN C 105 25.21 -12.49 13.86
N LEU C 106 26.08 -11.54 13.53
CA LEU C 106 26.36 -10.43 14.44
C LEU C 106 26.10 -9.11 13.72
N GLN C 107 25.72 -9.20 12.45
CA GLN C 107 25.48 -8.01 11.66
C GLN C 107 24.45 -8.05 10.55
N PRO C 108 23.94 -6.87 10.16
CA PRO C 108 22.95 -6.66 9.10
C PRO C 108 23.47 -7.23 7.78
N GLY C 109 22.55 -7.63 6.89
CA GLY C 109 22.97 -8.22 5.63
C GLY C 109 22.46 -7.61 4.34
N ALA C 110 22.32 -8.45 3.31
CA ALA C 110 21.86 -8.01 1.98
C ALA C 110 22.92 -7.05 1.45
N SER C 111 22.49 -6.03 0.71
CA SER C 111 23.44 -5.04 0.19
C SER C 111 23.66 -4.08 1.34
N HIS C 112 24.53 -4.54 2.23
CA HIS C 112 24.93 -3.92 3.48
C HIS C 112 26.01 -2.84 3.42
N ILE C 113 25.62 -1.60 3.72
CA ILE C 113 26.56 -0.49 3.74
C ILE C 113 26.73 -0.03 5.17
N ARG C 114 27.95 -0.13 5.67
CA ARG C 114 28.23 0.30 7.03
C ARG C 114 28.67 1.73 6.91
N VAL C 115 27.84 2.58 7.50
CA VAL C 115 28.04 4.01 7.50
C VAL C 115 29.08 4.37 8.56
N LEU C 116 30.27 4.74 8.10
CA LEU C 116 31.35 5.10 9.00
C LEU C 116 31.78 6.51 8.65
N THR C 117 30.80 7.40 8.55
CA THR C 117 31.05 8.78 8.20
C THR C 117 31.71 9.64 9.26
N SER C 118 32.48 10.61 8.78
CA SER C 118 33.19 11.55 9.64
C SER C 118 32.26 12.70 10.01
N PRO C 119 32.48 13.31 11.17
CA PRO C 119 31.66 14.43 11.65
C PRO C 119 31.36 15.50 10.59
N SER C 120 32.39 15.88 9.81
CA SER C 120 32.25 16.92 8.78
C SER C 120 31.35 16.56 7.60
N ALA C 121 31.03 15.27 7.45
CA ALA C 121 30.18 14.79 6.37
C ALA C 121 29.35 13.63 6.92
N PRO C 122 28.42 13.93 7.84
CA PRO C 122 27.52 12.98 8.50
C PRO C 122 26.80 11.95 7.62
N GLN C 123 26.13 12.47 6.61
CA GLN C 123 25.32 11.69 5.69
C GLN C 123 26.04 10.74 4.74
N ALA C 124 25.57 9.50 4.69
CA ALA C 124 26.16 8.50 3.79
C ALA C 124 25.84 8.99 2.39
N PHE C 125 24.62 9.47 2.22
CA PHE C 125 24.17 10.01 0.95
C PHE C 125 23.55 11.38 1.16
N LEU C 126 24.09 12.37 0.45
CA LEU C 126 23.57 13.72 0.52
C LEU C 126 23.21 14.16 -0.88
N VAL C 127 21.91 14.26 -1.10
CA VAL C 127 21.35 14.64 -2.38
C VAL C 127 21.12 16.14 -2.41
N LYS C 128 21.83 16.82 -3.29
CA LYS C 128 21.66 18.26 -3.38
C LYS C 128 22.26 18.81 -4.65
N ARG C 129 21.66 19.87 -5.14
CA ARG C 129 22.17 20.50 -6.33
C ARG C 129 21.77 21.95 -6.39
N ALA C 130 22.67 22.75 -6.92
CA ALA C 130 22.42 24.16 -7.06
C ALA C 130 21.91 24.37 -8.45
N GLY C 131 21.48 25.60 -8.69
CA GLY C 131 20.97 25.95 -9.98
C GLY C 131 19.56 25.47 -10.18
N ASP C 132 19.08 25.69 -11.38
CA ASP C 132 17.74 25.27 -11.67
C ASP C 132 17.82 24.07 -12.59
N PRO C 133 16.83 23.21 -12.48
CA PRO C 133 15.72 22.26 -12.35
C PRO C 133 15.89 21.66 -10.99
N ARG C 134 14.77 21.39 -10.31
CA ARG C 134 14.92 20.77 -9.03
C ARG C 134 15.23 19.35 -9.40
N LEU C 135 15.93 18.68 -8.51
CA LEU C 135 16.27 17.30 -8.74
C LEU C 135 15.00 16.48 -8.76
N SER C 136 14.92 15.58 -9.73
CA SER C 136 13.73 14.77 -9.85
C SER C 136 14.02 13.32 -10.18
N GLY C 137 13.04 12.48 -9.85
CA GLY C 137 13.11 11.06 -10.11
C GLY C 137 14.19 10.22 -9.45
N ILE C 138 14.84 10.73 -8.42
CA ILE C 138 15.87 9.93 -7.76
C ILE C 138 15.24 8.80 -6.96
N VAL C 139 15.80 7.60 -7.13
CA VAL C 139 15.31 6.40 -6.48
C VAL C 139 16.39 5.67 -5.66
N PHE C 140 16.07 5.38 -4.40
CA PHE C 140 16.97 4.64 -3.50
C PHE C 140 16.21 3.38 -3.14
N ARG C 141 16.71 2.22 -3.52
CA ARG C 141 15.95 1.02 -3.20
C ARG C 141 16.67 -0.29 -2.94
N ASP C 142 15.99 -1.09 -2.15
CA ASP C 142 16.43 -2.43 -1.78
C ASP C 142 17.85 -2.64 -1.29
N PHE C 143 18.34 -1.75 -0.42
CA PHE C 143 19.65 -1.95 0.16
C PHE C 143 19.65 -1.53 1.63
N CYS C 144 20.74 -1.83 2.33
CA CYS C 144 20.82 -1.58 3.77
C CYS C 144 21.85 -0.58 4.28
N LEU C 145 21.37 0.38 5.09
CA LEU C 145 22.22 1.40 5.71
C LEU C 145 22.28 1.14 7.21
N ASP C 146 23.48 0.83 7.68
CA ASP C 146 23.72 0.48 9.08
C ASP C 146 24.74 1.39 9.75
N GLY C 147 24.33 2.03 10.86
CA GLY C 147 25.20 2.93 11.59
C GLY C 147 26.17 2.24 12.51
N VAL C 148 26.14 0.92 12.48
CA VAL C 148 27.03 0.08 13.28
C VAL C 148 26.86 0.10 14.80
N GLY C 149 26.83 1.27 15.41
CA GLY C 149 26.68 1.33 16.86
C GLY C 149 26.36 2.70 17.43
N PHE C 150 25.92 2.72 18.69
CA PHE C 150 25.56 3.96 19.36
C PHE C 150 26.66 4.42 20.30
N THR C 151 26.89 5.72 20.38
CA THR C 151 27.98 6.26 21.17
C THR C 151 27.67 7.51 22.00
N PRO C 152 28.08 7.57 23.29
CA PRO C 152 28.77 6.80 24.34
C PRO C 152 28.06 5.54 24.84
N GLY C 153 26.76 5.66 25.10
CA GLY C 153 26.00 4.51 25.57
C GLY C 153 25.61 3.62 24.40
N LYS C 154 25.67 2.31 24.59
CA LYS C 154 25.32 1.39 23.53
C LYS C 154 23.84 1.48 23.19
N ASN C 155 23.06 2.03 24.11
CA ASN C 155 21.62 2.20 23.92
C ASN C 155 21.23 3.67 23.84
N SER C 156 22.17 4.51 23.42
CA SER C 156 21.95 5.95 23.34
C SER C 156 21.15 6.45 22.14
N TYR C 157 21.16 5.69 21.04
CA TYR C 157 20.45 6.10 19.82
C TYR C 157 21.12 7.36 19.30
N HIS C 158 22.39 7.52 19.63
CA HIS C 158 23.14 8.69 19.17
C HIS C 158 24.43 8.24 18.55
N ASN C 159 24.82 8.86 17.45
CA ASN C 159 26.07 8.50 16.84
C ASN C 159 26.45 9.46 15.72
N GLY C 160 25.64 10.52 15.60
CA GLY C 160 25.89 11.56 14.61
C GLY C 160 25.90 11.16 13.14
N LYS C 161 25.40 9.98 12.80
CA LYS C 161 25.41 9.57 11.40
C LYS C 161 24.01 9.68 10.79
N THR C 162 23.97 9.93 9.49
CA THR C 162 22.68 10.00 8.78
C THR C 162 22.79 9.11 7.56
N GLY C 163 21.69 8.41 7.23
CA GLY C 163 21.69 7.51 6.10
C GLY C 163 21.52 8.16 4.74
N ILE C 164 20.36 8.76 4.53
CA ILE C 164 20.06 9.42 3.26
C ILE C 164 19.42 10.77 3.58
N GLU C 165 20.01 11.84 3.07
CA GLU C 165 19.45 13.16 3.31
C GLU C 165 19.33 13.98 2.04
N VAL C 166 18.12 14.45 1.78
CA VAL C 166 17.84 15.24 0.60
C VAL C 166 17.67 16.69 1.05
N ALA C 167 18.70 17.50 0.81
CA ALA C 167 18.69 18.89 1.21
C ALA C 167 18.09 19.92 0.24
N SER C 168 18.04 19.62 -1.04
CA SER C 168 17.48 20.57 -2.00
C SER C 168 16.06 20.17 -2.36
N ASP C 169 15.26 21.13 -2.81
CA ASP C 169 13.88 20.82 -3.18
C ASP C 169 13.95 19.73 -4.23
N ASN C 170 13.09 18.74 -4.06
CA ASN C 170 13.08 17.59 -4.94
C ASN C 170 11.69 17.28 -5.49
N ASP C 171 11.66 16.63 -6.65
CA ASP C 171 10.38 16.25 -7.21
C ASP C 171 10.36 14.80 -7.63
N SER C 172 9.28 14.13 -7.21
CA SER C 172 9.03 12.74 -7.52
C SER C 172 10.10 11.76 -7.04
N PHE C 173 10.60 11.93 -5.83
CA PHE C 173 11.60 11.00 -5.32
C PHE C 173 10.88 9.74 -4.88
N HIS C 174 11.61 8.62 -4.90
CA HIS C 174 11.06 7.33 -4.52
C HIS C 174 12.04 6.60 -3.61
N ILE C 175 11.58 6.25 -2.41
CA ILE C 175 12.39 5.55 -1.42
C ILE C 175 11.67 4.26 -1.04
N THR C 176 12.07 3.12 -1.60
CA THR C 176 11.39 1.89 -1.27
C THR C 176 12.26 0.64 -1.06
N GLY C 177 11.71 -0.32 -0.31
CA GLY C 177 12.38 -1.58 -0.02
C GLY C 177 13.68 -1.48 0.75
N MSE C 178 13.90 -0.35 1.41
CA MSE C 178 15.14 -0.13 2.15
C MSE C 178 15.22 -0.71 3.56
O MSE C 178 14.22 -1.14 4.14
CB MSE C 178 15.41 1.36 2.21
CG MSE C 178 15.56 1.98 0.84
SE MSE C 178 17.35 1.82 0.25
CE MSE C 178 18.16 2.57 1.79
N GLY C 179 16.44 -0.71 4.08
CA GLY C 179 16.70 -1.21 5.41
C GLY C 179 17.59 -0.19 6.09
N PHE C 180 17.07 0.45 7.12
CA PHE C 180 17.82 1.46 7.87
C PHE C 180 17.97 0.93 9.28
N VAL C 181 19.18 0.94 9.82
CA VAL C 181 19.37 0.47 11.17
C VAL C 181 20.54 1.11 11.88
N TYR C 182 20.32 1.45 13.16
CA TYR C 182 21.31 2.07 14.04
C TYR C 182 21.93 3.37 13.52
N LEU C 183 21.09 4.26 13.00
CA LEU C 183 21.51 5.57 12.47
C LEU C 183 20.85 6.67 13.28
N GLU C 184 21.58 7.71 13.66
CA GLU C 184 20.93 8.74 14.43
C GLU C 184 19.77 9.33 13.63
N HIS C 185 20.00 9.46 12.32
CA HIS C 185 18.96 9.97 11.44
C HIS C 185 18.97 9.01 10.25
N ALA C 186 17.87 8.32 10.01
CA ALA C 186 17.83 7.38 8.89
C ALA C 186 17.61 8.12 7.59
N LEU C 187 16.44 8.71 7.46
CA LEU C 187 16.08 9.44 6.25
C LEU C 187 15.57 10.86 6.49
N ILE C 188 16.14 11.82 5.76
CA ILE C 188 15.74 13.22 5.88
C ILE C 188 15.44 13.75 4.48
N VAL C 189 14.30 14.41 4.32
CA VAL C 189 13.93 14.97 3.02
C VAL C 189 13.21 16.32 3.15
N ARG C 190 13.96 17.37 2.83
CA ARG C 190 13.50 18.76 2.89
C ARG C 190 12.88 19.17 1.56
N GLY C 191 11.77 19.91 1.62
CA GLY C 191 11.13 20.37 0.40
C GLY C 191 10.73 19.26 -0.55
N ALA C 192 10.10 18.23 0.00
CA ALA C 192 9.65 17.08 -0.78
C ALA C 192 8.35 17.41 -1.49
N ASP C 193 8.26 16.95 -2.73
CA ASP C 193 7.10 17.20 -3.57
C ASP C 193 6.83 15.90 -4.34
N ALA C 194 5.66 15.30 -4.12
CA ALA C 194 5.26 14.04 -4.77
C ALA C 194 6.25 12.94 -4.41
N LEU C 195 6.75 13.01 -3.18
CA LEU C 195 7.70 12.04 -2.68
C LEU C 195 7.00 10.76 -2.26
N ARG C 196 7.72 9.66 -2.40
CA ARG C 196 7.17 8.41 -1.99
C ARG C 196 8.14 7.64 -1.15
N VAL C 197 7.66 7.32 0.05
CA VAL C 197 8.41 6.57 1.03
C VAL C 197 7.45 5.43 1.36
N ASN C 198 7.71 4.26 0.78
CA ASN C 198 6.85 3.11 0.98
C ASN C 198 7.58 1.77 0.99
N ASP C 199 7.02 0.80 1.73
CA ASP C 199 7.57 -0.54 1.82
C ASP C 199 9.01 -0.57 2.37
N ASN C 200 9.29 0.23 3.41
CA ASN C 200 10.62 0.24 4.01
C ASN C 200 10.63 -0.21 5.47
N MSE C 201 11.82 -0.61 5.93
CA MSE C 201 12.04 -1.04 7.30
C MSE C 201 13.06 -0.09 7.91
O MSE C 201 14.26 -0.21 7.66
CB MSE C 201 12.55 -2.48 7.34
CG MSE C 201 13.07 -2.93 8.69
SE MSE C 201 11.74 -2.88 10.06
CE MSE C 201 12.49 -4.22 11.22
N ILE C 202 12.56 0.85 8.70
CA ILE C 202 13.40 1.87 9.33
C ILE C 202 13.24 1.73 10.85
N ALA C 203 14.20 1.09 11.50
CA ALA C 203 14.07 0.93 12.94
C ALA C 203 15.40 0.91 13.68
N GLU C 204 15.30 1.13 14.99
CA GLU C 204 16.46 1.16 15.85
C GLU C 204 17.35 2.30 15.36
N CYS C 205 16.68 3.39 15.03
CA CYS C 205 17.30 4.62 14.56
C CYS C 205 16.86 5.73 15.50
N GLY C 206 17.71 6.74 15.70
CA GLY C 206 17.34 7.82 16.59
C GLY C 206 16.10 8.48 16.05
N ASN C 207 16.12 8.70 14.74
CA ASN C 207 15.01 9.30 14.00
C ASN C 207 14.82 8.45 12.75
N CYS C 208 13.58 8.27 12.32
CA CYS C 208 13.32 7.46 11.14
C CYS C 208 13.09 8.29 9.86
N VAL C 209 11.96 8.99 9.76
CA VAL C 209 11.70 9.81 8.56
C VAL C 209 11.37 11.26 8.91
N GLU C 210 12.22 12.17 8.43
CA GLU C 210 12.06 13.60 8.70
C GLU C 210 11.80 14.44 7.44
N LEU C 211 10.55 14.83 7.24
CA LEU C 211 10.15 15.65 6.10
C LEU C 211 10.13 17.09 6.57
N THR C 212 11.29 17.72 6.48
CA THR C 212 11.49 19.09 6.92
C THR C 212 11.26 20.17 5.86
N GLY C 213 11.35 21.42 6.30
CA GLY C 213 11.18 22.54 5.39
C GLY C 213 9.72 22.76 5.04
N ALA C 214 9.22 21.98 4.09
CA ALA C 214 7.84 22.08 3.65
C ALA C 214 7.61 20.96 2.65
N GLY C 215 6.35 20.76 2.24
CA GLY C 215 6.08 19.70 1.30
C GLY C 215 4.69 19.70 0.69
N GLN C 216 4.55 18.90 -0.36
CA GLN C 216 3.29 18.75 -1.05
C GLN C 216 3.10 17.34 -1.60
N ALA C 217 1.83 16.92 -1.66
CA ALA C 217 1.41 15.61 -2.16
C ALA C 217 2.46 14.51 -1.99
N THR C 218 2.76 14.22 -0.73
CA THR C 218 3.72 13.18 -0.40
C THR C 218 2.97 11.99 0.16
N ILE C 219 3.52 10.79 -0.04
CA ILE C 219 2.90 9.58 0.46
C ILE C 219 3.90 8.76 1.27
N VAL C 220 3.49 8.41 2.49
CA VAL C 220 4.31 7.61 3.37
C VAL C 220 3.41 6.47 3.81
N SER C 221 3.57 5.32 3.17
CA SER C 221 2.75 4.16 3.48
C SER C 221 3.49 2.83 3.44
N GLY C 222 2.83 1.80 3.97
CA GLY C 222 3.40 0.46 4.00
C GLY C 222 4.77 0.31 4.65
N ASN C 223 5.13 1.23 5.53
CA ASN C 223 6.43 1.18 6.20
C ASN C 223 6.40 0.64 7.63
N HIS C 224 7.53 0.08 8.05
CA HIS C 224 7.75 -0.48 9.40
C HIS C 224 8.72 0.49 10.10
N MSE C 225 8.29 1.22 11.12
CA MSE C 225 9.24 2.15 11.77
C MSE C 225 9.24 2.20 13.30
O MSE C 225 8.19 2.19 13.96
CB MSE C 225 9.01 3.59 11.31
CG MSE C 225 9.38 3.90 9.86
SE MSE C 225 8.94 5.74 9.53
CE MSE C 225 8.26 5.56 7.72
N GLY C 226 10.45 2.29 13.85
CA GLY C 226 10.68 2.38 15.28
C GLY C 226 11.86 3.30 15.48
N ALA C 227 11.67 4.38 16.22
CA ALA C 227 12.73 5.38 16.44
C ALA C 227 13.39 5.34 17.82
N GLY C 228 13.84 6.52 18.27
CA GLY C 228 14.47 6.62 19.57
C GLY C 228 13.80 7.65 20.47
N PRO C 229 13.96 7.50 21.80
CA PRO C 229 13.40 8.39 22.83
C PRO C 229 13.58 9.87 22.54
N ASP C 230 14.74 10.22 21.99
CA ASP C 230 15.07 11.60 21.67
C ASP C 230 14.88 11.89 20.18
N GLY C 231 14.12 11.04 19.51
CA GLY C 231 13.91 11.24 18.10
C GLY C 231 12.47 11.09 17.66
N VAL C 232 12.23 11.37 16.40
CA VAL C 232 10.90 11.26 15.85
C VAL C 232 10.84 10.04 14.97
N THR C 233 9.64 9.49 14.81
CA THR C 233 9.48 8.34 13.96
C THR C 233 9.17 8.97 12.60
N LEU C 234 7.98 9.56 12.47
CA LEU C 234 7.64 10.24 11.23
C LEU C 234 7.38 11.70 11.59
N LEU C 235 8.12 12.59 10.96
CA LEU C 235 8.02 14.02 11.20
C LEU C 235 7.70 14.75 9.91
N ALA C 236 6.77 15.70 9.98
CA ALA C 236 6.41 16.47 8.80
C ALA C 236 6.34 17.96 9.11
N GLU C 237 7.05 18.76 8.33
CA GLU C 237 7.08 20.20 8.53
C GLU C 237 6.41 20.99 7.41
N ASN C 238 5.34 21.68 7.75
CA ASN C 238 4.60 22.51 6.81
C ASN C 238 4.31 21.77 5.53
N HIS C 239 3.70 20.60 5.68
CA HIS C 239 3.32 19.75 4.57
C HIS C 239 1.85 19.95 4.27
N GLU C 240 1.51 19.74 3.02
CA GLU C 240 0.15 19.88 2.55
C GLU C 240 -0.08 18.68 1.66
N GLY C 241 -1.21 18.01 1.84
CA GLY C 241 -1.52 16.84 1.04
C GLY C 241 -0.76 15.58 1.42
N LEU C 242 -0.22 15.54 2.64
CA LEU C 242 0.53 14.35 3.08
C LEU C 242 -0.44 13.22 3.41
N LEU C 243 -0.15 12.05 2.88
CA LEU C 243 -0.95 10.85 3.12
C LEU C 243 -0.05 9.90 3.87
N VAL C 244 -0.50 9.46 5.03
CA VAL C 244 0.25 8.52 5.82
C VAL C 244 -0.75 7.41 6.07
N THR C 245 -0.47 6.25 5.48
CA THR C 245 -1.39 5.14 5.55
C THR C 245 -0.73 3.77 5.54
N GLY C 246 -1.38 2.79 6.16
CA GLY C 246 -0.88 1.43 6.20
C GLY C 246 0.52 1.23 6.75
N ASN C 247 0.93 2.09 7.68
CA ASN C 247 2.25 1.97 8.27
C ASN C 247 2.09 1.28 9.62
N ASN C 248 3.12 0.54 10.02
CA ASN C 248 3.08 -0.13 11.30
C ASN C 248 4.21 0.50 12.11
N LEU C 249 3.85 1.54 12.87
CA LEU C 249 4.81 2.27 13.67
C LEU C 249 4.82 1.72 15.08
N PHE C 250 5.98 1.22 15.48
CA PHE C 250 6.13 0.63 16.80
C PHE C 250 7.11 1.40 17.67
N PRO C 251 7.27 0.96 18.92
CA PRO C 251 8.17 1.56 19.89
C PRO C 251 9.48 2.29 19.68
N ARG C 252 10.58 3.39 19.85
CA ARG C 252 10.40 4.30 21.09
C ARG C 252 10.89 5.62 20.64
N GLY C 253 10.19 6.07 19.52
CA GLY C 253 10.27 7.51 19.29
C GLY C 253 9.68 8.32 20.42
N ARG C 254 9.96 9.63 20.42
CA ARG C 254 9.40 10.51 21.45
C ARG C 254 7.94 10.63 21.03
N SER C 255 7.74 10.44 19.73
CA SER C 255 6.42 10.49 19.11
C SER C 255 6.48 9.49 17.96
N LEU C 256 5.32 9.11 17.42
CA LEU C 256 5.29 8.16 16.31
C LEU C 256 4.92 8.93 15.04
N ILE C 257 4.09 9.95 15.22
CA ILE C 257 3.67 10.79 14.10
C ILE C 257 3.64 12.21 14.63
N GLU C 258 4.44 13.06 14.01
CA GLU C 258 4.55 14.43 14.47
C GLU C 258 4.55 15.45 13.34
N PHE C 259 3.46 16.22 13.28
CA PHE C 259 3.29 17.25 12.27
C PHE C 259 3.42 18.63 12.89
N THR C 260 4.20 19.51 12.30
CA THR C 260 4.21 20.87 12.82
C THR C 260 3.76 21.76 11.69
N GLY C 261 2.61 22.40 11.91
CA GLY C 261 2.05 23.31 10.93
C GLY C 261 1.69 22.69 9.59
N CYS C 262 1.26 21.43 9.57
CA CYS C 262 0.88 20.83 8.31
C CYS C 262 -0.61 21.08 8.13
N ASN C 263 -1.06 21.18 6.90
CA ASN C 263 -2.47 21.44 6.65
C ASN C 263 -3.05 20.45 5.65
N ARG C 264 -4.31 20.09 5.85
CA ARG C 264 -5.01 19.16 4.96
C ARG C 264 -4.27 17.86 4.70
N CYS C 265 -3.68 17.27 5.72
CA CYS C 265 -2.98 16.00 5.53
C CYS C 265 -3.89 14.90 6.03
N SER C 266 -3.46 13.65 5.89
CA SER C 266 -4.28 12.55 6.36
C SER C 266 -3.48 11.40 6.93
N VAL C 267 -3.88 10.97 8.12
CA VAL C 267 -3.24 9.86 8.81
C VAL C 267 -4.32 8.83 9.04
N THR C 268 -4.37 7.83 8.15
CA THR C 268 -5.40 6.81 8.17
C THR C 268 -4.91 5.39 7.97
N SER C 269 -5.63 4.43 8.56
CA SER C 269 -5.31 3.01 8.41
C SER C 269 -3.88 2.66 8.84
N ASN C 270 -3.50 3.08 10.04
CA ASN C 270 -2.17 2.81 10.56
C ASN C 270 -2.23 2.07 11.88
N ARG C 271 -1.10 1.47 12.24
CA ARG C 271 -0.94 0.75 13.49
C ARG C 271 0.08 1.50 14.31
N LEU C 272 -0.34 2.10 15.41
CA LEU C 272 0.57 2.85 16.26
C LEU C 272 0.73 2.23 17.63
N GLN C 273 1.97 2.02 18.04
CA GLN C 273 2.29 1.46 19.36
C GLN C 273 3.43 2.24 19.98
N GLY C 274 3.14 2.91 21.09
CA GLY C 274 4.17 3.69 21.77
C GLY C 274 4.24 3.39 23.25
N PHE C 275 5.33 3.83 23.88
CA PHE C 275 5.51 3.62 25.33
C PHE C 275 5.46 4.95 26.05
N TYR C 276 5.14 6.01 25.33
CA TYR C 276 5.09 7.33 25.93
C TYR C 276 3.99 8.24 25.46
N PRO C 277 3.79 9.34 26.18
CA PRO C 277 2.81 10.38 25.92
C PRO C 277 3.07 10.99 24.54
N GLY C 278 2.03 11.54 23.93
CA GLY C 278 2.17 12.18 22.63
C GLY C 278 2.71 11.32 21.50
N MSE C 279 2.07 10.18 21.24
CA MSE C 279 2.49 9.30 20.16
C MSE C 279 2.08 9.90 18.81
O MSE C 279 2.73 9.66 17.78
CB MSE C 279 1.83 7.92 20.32
CG MSE C 279 2.40 7.08 21.43
SE MSE C 279 1.14 5.76 22.00
CE MSE C 279 0.85 4.85 20.34
N LEU C 280 1.02 10.69 18.83
CA LEU C 280 0.48 11.34 17.64
C LEU C 280 0.35 12.82 17.96
N ARG C 281 1.22 13.66 17.36
CA ARG C 281 1.19 15.08 17.65
C ARG C 281 0.91 16.03 16.49
N LEU C 282 -0.02 16.95 16.71
CA LEU C 282 -0.38 17.98 15.74
C LEU C 282 -0.10 19.29 16.44
N LEU C 283 1.10 19.80 16.16
CA LEU C 283 1.62 21.01 16.77
C LEU C 283 1.72 22.24 15.89
N ASN C 284 1.89 23.37 16.56
CA ASN C 284 2.07 24.66 15.90
C ASN C 284 1.05 24.92 14.80
N GLY C 285 -0.22 24.84 15.19
CA GLY C 285 -1.31 25.11 14.29
C GLY C 285 -1.48 24.25 13.06
N CYS C 286 -1.86 22.99 13.22
CA CYS C 286 -2.09 22.14 12.06
C CYS C 286 -3.57 22.31 11.78
N LYS C 287 -3.94 22.55 10.53
CA LYS C 287 -5.33 22.76 10.19
C LYS C 287 -5.91 21.77 9.18
N GLU C 288 -7.18 21.43 9.40
CA GLU C 288 -7.94 20.56 8.51
C GLU C 288 -7.38 19.18 8.16
N ASN C 289 -6.83 18.49 9.15
CA ASN C 289 -6.25 17.16 8.93
C ASN C 289 -7.17 16.04 9.38
N LEU C 290 -7.07 14.92 8.68
CA LEU C 290 -7.88 13.74 8.97
C LEU C 290 -7.05 12.66 9.65
N ILE C 291 -7.44 12.31 10.87
CA ILE C 291 -6.77 11.27 11.65
C ILE C 291 -7.89 10.27 11.91
N THR C 292 -7.95 9.23 11.09
CA THR C 292 -9.02 8.27 11.25
C THR C 292 -8.63 6.83 10.94
N ALA C 293 -9.42 5.89 11.47
CA ALA C 293 -9.18 4.47 11.26
C ALA C 293 -7.78 4.01 11.65
N ASN C 294 -7.27 4.50 12.77
CA ASN C 294 -5.94 4.11 13.23
C ASN C 294 -6.05 3.37 14.56
N HIS C 295 -5.14 2.42 14.78
CA HIS C 295 -5.12 1.71 16.04
C HIS C 295 -4.03 2.36 16.86
N ILE C 296 -4.42 2.94 17.98
CA ILE C 296 -3.50 3.65 18.84
C ILE C 296 -3.39 3.00 20.21
N ARG C 297 -2.24 2.38 20.45
CA ARG C 297 -1.98 1.70 21.70
C ARG C 297 -0.82 2.25 22.47
N ARG C 298 -1.11 2.69 23.69
CA ARG C 298 -0.09 3.23 24.58
C ARG C 298 0.08 2.24 25.71
N THR C 299 1.32 1.91 26.02
CA THR C 299 1.59 0.97 27.11
C THR C 299 2.97 1.29 27.66
N ASN C 300 3.42 0.49 28.61
CA ASN C 300 4.74 0.73 29.21
C ASN C 300 5.83 -0.05 28.50
N GLU C 301 7.01 0.57 28.42
CA GLU C 301 8.17 -0.03 27.79
C GLU C 301 8.28 -1.51 28.19
N GLY C 302 8.40 -2.38 27.20
CA GLY C 302 8.47 -3.81 27.50
C GLY C 302 9.82 -4.49 27.43
N TYR C 303 10.85 -3.79 26.96
CA TYR C 303 12.19 -4.39 26.87
C TYR C 303 13.08 -3.77 27.94
N PRO C 304 13.42 -4.55 28.98
CA PRO C 304 14.26 -4.19 30.13
C PRO C 304 15.39 -3.17 29.95
N PRO C 305 16.28 -3.36 28.95
CA PRO C 305 17.36 -2.39 28.74
C PRO C 305 16.90 -0.95 28.74
N PHE C 306 15.70 -0.73 28.22
CA PHE C 306 15.11 0.60 28.11
C PHE C 306 14.09 0.94 29.15
N ILE C 307 13.90 0.06 30.13
CA ILE C 307 12.91 0.40 31.13
C ILE C 307 13.40 1.61 31.90
N GLY C 308 12.49 2.53 32.14
CA GLY C 308 12.81 3.73 32.86
C GLY C 308 13.11 4.93 31.98
N ARG C 309 13.18 4.74 30.67
CA ARG C 309 13.49 5.87 29.78
C ARG C 309 12.18 6.61 29.49
N GLY C 310 12.27 7.88 29.10
CA GLY C 310 11.07 8.64 28.82
C GLY C 310 11.23 9.70 27.74
N ASN C 311 10.18 10.47 27.52
CA ASN C 311 10.22 11.54 26.54
C ASN C 311 9.93 12.88 27.19
N GLY C 312 9.95 12.88 28.53
CA GLY C 312 9.72 14.10 29.29
C GLY C 312 8.29 14.60 29.32
N LEU C 313 7.36 13.82 28.77
CA LEU C 313 5.97 14.23 28.78
C LEU C 313 5.17 13.45 29.80
N ASP C 314 4.14 14.08 30.35
CA ASP C 314 3.30 13.36 31.31
C ASP C 314 2.04 12.88 30.62
N ASP C 315 1.23 12.12 31.35
CA ASP C 315 0.01 11.55 30.80
C ASP C 315 -1.14 12.52 30.57
N LEU C 316 -0.90 13.80 30.80
CA LEU C 316 -1.95 14.77 30.57
C LEU C 316 -1.71 15.42 29.20
N TYR C 317 -0.55 15.11 28.59
CA TYR C 317 -0.19 15.63 27.27
C TYR C 317 -1.17 14.97 26.30
N GLY C 318 -1.55 13.73 26.63
CA GLY C 318 -2.48 12.99 25.79
C GLY C 318 -1.76 12.07 24.81
N VAL C 319 -2.34 10.91 24.51
CA VAL C 319 -1.75 9.98 23.57
C VAL C 319 -1.76 10.68 22.22
N VAL C 320 -2.85 11.41 21.98
CA VAL C 320 -3.01 12.18 20.76
C VAL C 320 -3.16 13.62 21.18
N HIS C 321 -2.26 14.44 20.66
CA HIS C 321 -2.21 15.86 20.98
C HIS C 321 -2.48 16.73 19.75
N ILE C 322 -3.54 17.53 19.84
CA ILE C 322 -3.92 18.40 18.72
C ILE C 322 -3.92 19.89 19.06
N ALA C 323 -3.22 20.66 18.23
CA ALA C 323 -3.15 22.10 18.37
C ALA C 323 -3.33 22.60 16.95
N GLY C 324 -4.54 23.08 16.66
CA GLY C 324 -4.83 23.58 15.33
C GLY C 324 -6.34 23.65 15.16
N ASP C 325 -6.80 23.88 13.93
CA ASP C 325 -8.24 23.98 13.70
C ASP C 325 -8.79 22.95 12.72
N ASN C 326 -10.09 22.76 12.81
CA ASN C 326 -10.85 21.87 11.93
C ASN C 326 -10.31 20.48 11.63
N ASN C 327 -9.61 19.89 12.59
CA ASN C 327 -9.07 18.54 12.41
C ASN C 327 -10.14 17.52 12.80
N LEU C 328 -10.17 16.38 12.11
CA LEU C 328 -11.15 15.35 12.41
C LEU C 328 -10.49 14.07 12.91
N ILE C 329 -10.57 13.85 14.23
CA ILE C 329 -10.02 12.66 14.85
C ILE C 329 -11.19 11.72 15.09
N SER C 330 -11.33 10.71 14.24
CA SER C 330 -12.45 9.78 14.37
C SER C 330 -12.14 8.35 14.00
N ASP C 331 -13.09 7.47 14.31
CA ASP C 331 -12.99 6.06 14.00
C ASP C 331 -11.62 5.47 14.38
N ASN C 332 -11.13 5.82 15.56
CA ASN C 332 -9.83 5.33 16.06
C ASN C 332 -10.07 4.44 17.29
N LEU C 333 -9.21 3.44 17.49
CA LEU C 333 -9.33 2.56 18.65
C LEU C 333 -8.13 2.77 19.57
N PHE C 334 -8.39 3.28 20.77
CA PHE C 334 -7.33 3.52 21.75
C PHE C 334 -7.24 2.39 22.78
N ALA C 335 -6.08 1.73 22.84
CA ALA C 335 -5.84 0.66 23.79
C ALA C 335 -4.73 1.15 24.73
N TYR C 336 -5.12 1.51 25.94
CA TYR C 336 -4.17 2.03 26.91
C TYR C 336 -3.98 1.13 28.13
N ASN C 337 -2.75 0.65 28.31
CA ASN C 337 -2.41 -0.23 29.42
C ASN C 337 -1.11 0.28 30.06
N VAL C 338 -1.25 1.02 31.14
CA VAL C 338 -0.10 1.58 31.84
C VAL C 338 -0.27 1.48 33.34
N PRO C 339 0.77 0.97 34.04
CA PRO C 339 0.79 0.81 35.49
C PRO C 339 0.39 2.10 36.22
N PRO C 340 -0.58 2.01 37.15
CA PRO C 340 -0.99 3.21 37.88
C PRO C 340 0.21 4.02 38.34
N ALA C 341 1.26 3.28 38.74
CA ALA C 341 2.49 3.87 39.24
C ALA C 341 3.40 4.50 38.20
N ASN C 342 3.11 4.30 36.92
CA ASN C 342 3.96 4.90 35.93
C ASN C 342 3.26 6.12 35.37
N ILE C 343 2.01 6.29 35.77
CA ILE C 343 1.21 7.40 35.30
C ILE C 343 1.59 8.73 35.92
N ALA C 344 1.91 9.66 35.03
CA ALA C 344 2.32 11.02 35.35
C ALA C 344 1.19 12.02 35.12
N PRO C 345 0.81 12.78 36.14
CA PRO C 345 1.15 12.97 37.56
C PRO C 345 0.41 11.97 38.47
N ALA C 346 0.97 11.76 39.66
CA ALA C 346 0.38 10.83 40.59
C ALA C 346 -1.06 11.23 40.83
N GLY C 347 -1.94 10.26 40.69
CA GLY C 347 -3.36 10.49 40.89
C GLY C 347 -4.05 10.89 39.61
N ALA C 348 -3.30 11.32 38.60
CA ALA C 348 -4.00 11.74 37.40
C ALA C 348 -4.54 10.67 36.47
N GLN C 349 -5.63 11.07 35.81
CA GLN C 349 -6.31 10.23 34.85
C GLN C 349 -5.66 10.49 33.49
N PRO C 350 -5.22 9.43 32.83
CA PRO C 350 -4.59 9.51 31.52
C PRO C 350 -5.54 10.13 30.50
N THR C 351 -5.01 10.95 29.60
CA THR C 351 -5.82 11.59 28.56
C THR C 351 -5.56 10.92 27.23
N GLN C 352 -6.60 10.36 26.62
CA GLN C 352 -6.44 9.73 25.33
C GLN C 352 -6.29 10.80 24.25
N ILE C 353 -7.24 11.71 24.21
CA ILE C 353 -7.20 12.79 23.22
C ILE C 353 -7.26 14.17 23.85
N LEU C 354 -6.21 14.97 23.60
CA LEU C 354 -6.15 16.32 24.13
C LEU C 354 -6.19 17.33 23.00
N ILE C 355 -7.19 18.19 23.07
CA ILE C 355 -7.37 19.26 22.11
C ILE C 355 -6.80 20.47 22.83
N ALA C 356 -5.50 20.67 22.64
CA ALA C 356 -4.71 21.74 23.26
C ALA C 356 -5.18 23.15 23.00
N GLY C 357 -5.60 23.41 21.77
CA GLY C 357 -6.05 24.72 21.40
C GLY C 357 -6.58 24.59 20.01
N GLY C 358 -7.27 25.61 19.53
CA GLY C 358 -7.78 25.51 18.20
C GLY C 358 -9.28 25.63 18.13
N ASP C 359 -9.74 25.84 16.92
CA ASP C 359 -11.13 26.03 16.63
C ASP C 359 -11.73 24.95 15.76
N ALA C 360 -12.97 24.59 16.07
CA ALA C 360 -13.72 23.63 15.28
C ALA C 360 -13.25 22.19 15.22
N ASN C 361 -12.37 21.76 16.11
CA ASN C 361 -11.95 20.38 16.04
C ASN C 361 -13.11 19.46 16.32
N VAL C 362 -13.15 18.34 15.61
CA VAL C 362 -14.21 17.36 15.74
C VAL C 362 -13.68 15.99 16.13
N VAL C 363 -14.21 15.45 17.22
CA VAL C 363 -13.80 14.15 17.71
C VAL C 363 -15.01 13.22 17.79
N ALA C 364 -15.08 12.28 16.85
CA ALA C 364 -16.21 11.35 16.80
C ALA C 364 -15.82 9.87 16.65
N LEU C 365 -16.66 9.01 17.23
CA LEU C 365 -16.48 7.57 17.19
C LEU C 365 -15.04 7.11 17.44
N ASN C 366 -14.62 7.23 18.69
CA ASN C 366 -13.29 6.81 19.13
C ASN C 366 -13.50 5.92 20.35
N HIS C 367 -13.12 4.66 20.20
CA HIS C 367 -13.27 3.69 21.29
C HIS C 367 -12.03 3.62 22.16
N VAL C 368 -12.23 3.86 23.46
CA VAL C 368 -11.12 3.81 24.40
C VAL C 368 -11.21 2.59 25.30
N VAL C 369 -10.06 1.95 25.49
CA VAL C 369 -9.96 0.78 26.34
C VAL C 369 -8.79 1.08 27.22
N SER C 370 -9.02 1.12 28.52
CA SER C 370 -7.92 1.41 29.42
C SER C 370 -8.08 0.69 30.74
N ASP C 371 -6.94 0.39 31.33
CA ASP C 371 -6.88 -0.33 32.60
C ASP C 371 -7.22 0.61 33.76
N VAL C 372 -7.27 1.90 33.50
CA VAL C 372 -7.55 2.85 34.55
C VAL C 372 -8.57 3.89 34.12
N ALA C 373 -9.11 4.60 35.10
CA ALA C 373 -10.06 5.66 34.82
C ALA C 373 -9.28 6.60 33.91
N SER C 374 -9.85 6.94 32.77
CA SER C 374 -9.16 7.80 31.82
C SER C 374 -10.08 8.82 31.18
N GLN C 375 -9.55 10.00 30.86
CA GLN C 375 -10.35 11.00 30.20
C GLN C 375 -10.11 10.77 28.71
N HIS C 376 -11.13 10.24 28.04
CA HIS C 376 -11.05 9.92 26.63
C HIS C 376 -10.74 11.16 25.80
N VAL C 377 -11.37 12.27 26.16
CA VAL C 377 -11.15 13.50 25.45
C VAL C 377 -11.13 14.67 26.40
N VAL C 378 -10.15 15.54 26.20
CA VAL C 378 -10.02 16.73 27.02
C VAL C 378 -9.86 17.90 26.07
N LEU C 379 -10.71 18.89 26.24
CA LEU C 379 -10.67 20.10 25.42
C LEU C 379 -10.18 21.17 26.37
N ASP C 380 -9.04 21.74 26.06
CA ASP C 380 -8.48 22.76 26.94
C ASP C 380 -9.23 24.08 26.83
N ALA C 381 -9.16 24.89 27.89
CA ALA C 381 -9.87 26.16 27.95
C ALA C 381 -9.66 27.12 26.77
N SER C 382 -8.63 26.88 25.97
CA SER C 382 -8.35 27.73 24.83
C SER C 382 -9.26 27.37 23.67
N THR C 383 -9.59 26.09 23.58
CA THR C 383 -10.43 25.58 22.49
C THR C 383 -11.77 26.27 22.35
N THR C 384 -12.21 26.37 21.10
CA THR C 384 -13.49 26.97 20.78
C THR C 384 -14.22 26.12 19.76
N HIS C 385 -15.53 26.09 19.92
CA HIS C 385 -16.44 25.39 19.01
C HIS C 385 -16.11 23.92 18.68
N SER C 386 -15.53 23.21 19.64
CA SER C 386 -15.18 21.80 19.47
C SER C 386 -16.44 20.93 19.51
N LYS C 387 -16.34 19.71 19.00
CA LYS C 387 -17.47 18.77 18.98
C LYS C 387 -16.99 17.38 19.35
N VAL C 388 -17.62 16.76 20.35
CA VAL C 388 -17.23 15.41 20.73
C VAL C 388 -18.45 14.50 20.66
N LEU C 389 -18.36 13.53 19.73
CA LEU C 389 -19.45 12.58 19.52
C LEU C 389 -18.99 11.14 19.69
N ASP C 390 -19.80 10.36 20.40
CA ASP C 390 -19.52 8.95 20.58
C ASP C 390 -18.05 8.61 20.85
N SER C 391 -17.47 9.28 21.83
CA SER C 391 -16.08 9.04 22.18
C SER C 391 -15.96 8.90 23.70
N GLY C 392 -17.07 8.58 24.35
CA GLY C 392 -17.07 8.39 25.79
C GLY C 392 -18.30 8.95 26.49
N THR C 393 -18.53 8.51 27.72
CA THR C 393 -19.67 8.99 28.49
C THR C 393 -19.30 10.39 28.94
N ALA C 394 -20.28 11.12 29.47
CA ALA C 394 -20.03 12.47 29.92
C ALA C 394 -18.92 12.56 30.97
N SER C 395 -18.72 11.50 31.76
CA SER C 395 -17.69 11.55 32.79
C SER C 395 -16.33 11.06 32.29
N GLN C 396 -16.24 10.72 31.01
CA GLN C 396 -14.97 10.29 30.43
C GLN C 396 -14.51 11.43 29.51
N ILE C 397 -15.23 12.55 29.58
CA ILE C 397 -14.95 13.74 28.77
C ILE C 397 -14.82 15.03 29.61
N THR C 398 -13.72 15.74 29.44
CA THR C 398 -13.51 17.00 30.15
C THR C 398 -13.43 18.15 29.16
N SER C 399 -14.40 19.05 29.23
CA SER C 399 -14.44 20.22 28.36
C SER C 399 -14.25 21.46 29.22
N TYR C 400 -13.15 22.18 29.00
CA TYR C 400 -12.90 23.40 29.77
C TYR C 400 -13.39 24.58 28.99
N SER C 401 -14.08 24.29 27.90
CA SER C 401 -14.62 25.35 27.09
C SER C 401 -16.11 25.29 27.37
N SER C 402 -16.84 26.28 26.88
CA SER C 402 -18.27 26.26 27.11
C SER C 402 -19.06 26.20 25.82
N ASP C 403 -18.37 26.22 24.68
CA ASP C 403 -19.07 26.14 23.41
C ASP C 403 -18.87 24.74 22.84
N THR C 404 -18.35 23.83 23.65
CA THR C 404 -18.14 22.47 23.19
C THR C 404 -19.48 21.76 23.11
N ALA C 405 -19.69 21.05 22.01
CA ALA C 405 -20.89 20.27 21.82
C ALA C 405 -20.49 18.81 22.05
N ILE C 406 -21.15 18.16 23.01
CA ILE C 406 -20.83 16.80 23.36
C ILE C 406 -22.05 15.87 23.27
N ARG C 407 -21.84 14.67 22.75
CA ARG C 407 -22.91 13.67 22.67
C ARG C 407 -22.39 12.36 23.26
N PRO C 408 -22.96 11.94 24.39
CA PRO C 408 -22.55 10.69 25.05
C PRO C 408 -22.54 9.44 24.20
N THR C 409 -21.59 8.56 24.46
CA THR C 409 -21.58 7.28 23.79
C THR C 409 -22.71 6.76 24.69
N PRO C 410 -23.85 6.38 24.11
CA PRO C 410 -24.93 5.90 24.98
C PRO C 410 -24.53 4.94 26.08
C1 FRU D . 2.63 22.06 -10.22
C2 FRU D . 2.73 22.13 -8.63
C3 FRU D . 3.51 20.95 -7.99
C4 FRU D . 2.79 20.68 -6.64
C5 FRU D . 1.40 21.14 -6.94
C6 FRU D . 0.96 22.20 -5.99
O1 FRU D . 2.37 21.00 -10.49
O2 FRU D . 3.15 23.45 -8.33
O3 FRU D . 4.86 20.62 -7.92
O4 FRU D . 2.92 19.34 -6.21
O5 FRU D . 1.41 21.82 -8.24
O6 FRU D . 0.01 22.63 -5.77
C1 FRU D . 2.05 21.92 -12.68
C2 FRU D . 1.50 20.90 -11.60
C3 FRU D . 1.19 19.49 -12.17
C4 FRU D . -0.03 18.99 -11.37
C5 FRU D . -0.72 20.28 -11.01
C6 FRU D . -1.07 20.25 -9.52
O1 FRU D . 1.32 21.83 -13.94
O3 FRU D . 2.00 18.42 -12.57
O4 FRU D . -0.83 18.07 -12.10
O5 FRU D . 0.19 21.38 -11.37
O6 FRU D . -2.10 21.15 -9.34
C1 FRU E . -13.14 -17.22 -11.37
C2 FRU E . -13.74 -15.77 -11.62
C3 FRU E . -12.65 -14.67 -11.83
C4 FRU E . -13.24 -13.39 -11.20
C5 FRU E . -14.14 -13.96 -10.14
C6 FRU E . -15.54 -13.58 -10.26
O1 FRU E . -12.29 -17.12 -10.64
O2 FRU E . -14.74 -15.92 -12.61
O3 FRU E . -11.80 -14.36 -12.90
O4 FRU E . -12.26 -12.49 -10.75
O5 FRU E . -14.21 -15.42 -10.35
O6 FRU E . -16.51 -13.43 -9.52
C1 FRU E . -12.39 -19.51 -10.59
C2 FRU E . -12.19 -18.19 -9.73
C3 FRU E . -10.97 -18.24 -8.77
C4 FRU E . -11.40 -17.43 -7.52
C5 FRU E . -12.89 -17.63 -7.53
C6 FRU E . -13.56 -16.28 -7.32
O1 FRU E . -12.18 -20.71 -9.80
O3 FRU E . -9.58 -18.14 -8.99
O4 FRU E . -10.72 -17.84 -6.35
O5 FRU E . -13.25 -18.28 -8.80
O6 FRU E . -14.81 -16.53 -6.82
C1 FRU F . 12.38 -5.55 20.35
C2 FRU F . 11.02 -6.38 20.25
C3 FRU F . 10.68 -6.86 18.81
C4 FRU F . 9.14 -6.79 18.71
C5 FRU F . 8.82 -5.69 19.68
C6 FRU F . 7.78 -6.14 20.72
O1 FRU F . 12.41 -4.84 19.49
O2 FRU F . 11.06 -7.33 21.29
O3 FRU F . 11.20 -7.89 18.00
O4 FRU F . 8.69 -6.60 17.39
O5 FRU F . 10.05 -5.36 20.42
O6 FRU F . 7.10 -5.37 21.53
C1 FRU F . 14.30 -3.93 20.65
C2 FRU F . 13.00 -3.59 19.80
C3 FRU F . 13.22 -2.57 18.66
C4 FRU F . 11.92 -1.75 18.57
C5 FRU F . 11.43 -1.82 19.98
C6 FRU F . 9.93 -2.18 19.96
O1 FRU F . 15.08 -2.73 20.93
O3 FRU F . 13.84 -2.67 17.39
O4 FRU F . 12.13 -0.44 18.07
O5 FRU F . 12.25 -2.80 20.71
O6 FRU F . 9.41 -1.75 21.16
P 2PO G . 12.71 -4.91 -8.42
O1P 2PO G . 12.25 -6.09 -9.37
O2P 2PO G . 13.17 -3.72 -9.37
O3P 2PO G . 13.66 -5.26 -7.33
P 2PO H . -3.28 1.27 2.24
O1P 2PO H . -3.10 -0.22 2.69
O2P 2PO H . -3.59 1.26 0.68
O3P 2PO H . -2.23 2.24 2.67
#